data_4K03
#
_entry.id   4K03
#
_cell.length_a   71.120
_cell.length_b   121.810
_cell.length_c   79.720
_cell.angle_alpha   90.00
_cell.angle_beta   114.78
_cell.angle_gamma   90.00
#
_symmetry.space_group_name_H-M   'P 1 21 1'
#
loop_
_entity.id
_entity.type
_entity.pdbx_description
1 polymer Cryptochrome-1
2 non-polymer 'FLAVIN-ADENINE DINUCLEOTIDE'
3 water water
#
_entity_poly.entity_id   1
_entity_poly.type   'polypeptide(L)'
_entity_poly.pdbx_seq_one_letter_code
;GAMGSGIQRPTSTSSLVAAMATRGANVIWFRHGLRLHDNPALLAALADKDQGIALIPVFIFDGESAGTKNVGYNRMRFLL
DSLQDIDDQLQAATDGRGRLLVFEGEPAYIFRRLHEQVRLHRICIEQDCEPIWNERDESIRSLCRELNIDFVEKVSHTLW
DPQLVIETNGGIPPLTYQMFLHTVQIIGLPPRPTADARLEDATFVELDPEFCRSLKLFEQLPTPEHFNVYGDNMGFLAKI
NWRGGETQALLLLDERLKVEQHAFERGFYLPNQALPNIHDSPKSMSAHLRFGCLSVRRFYWSVHDLFKNVQLRACVRGVQ
MTGGAHITGQLIWREYFYTMSVNNPNYDRMEGNDICLSIPWAKPNENLLQSWRLGQTGFPLIDGAMRQLLAEGWLHHTLR
NTVATFLTRGGLWQSWEHGLQHFLKYLLDADWSVCAGNWMWVSSSAFERLLDSSLVTCPVALAKRLDPDGTYIKQYVPEL
MNVPKEFVHEPWRMSAEQQEQYECLIGVHYPERIIDLSMAVKRNMLAMKSLRNSLITPPPHCRPSNEEEVRQFFWLADVV
V
;
_entity_poly.pdbx_strand_id   A,B
#
loop_
_chem_comp.id
_chem_comp.type
_chem_comp.name
_chem_comp.formula
FAD non-polymer 'FLAVIN-ADENINE DINUCLEOTIDE' 'C27 H33 N9 O15 P2'
#
# COMPACT_ATOMS: atom_id res chain seq x y z
N ARG A 23 17.41 -2.09 -57.91
CA ARG A 23 17.81 -3.45 -57.56
C ARG A 23 18.56 -3.54 -56.23
N GLY A 24 17.88 -4.13 -55.25
CA GLY A 24 18.45 -4.43 -53.96
C GLY A 24 17.35 -5.10 -53.18
N ALA A 25 17.64 -5.50 -51.94
CA ALA A 25 16.63 -6.06 -51.04
C ALA A 25 17.12 -6.13 -49.61
N ASN A 26 16.34 -5.56 -48.69
CA ASN A 26 16.55 -5.70 -47.24
C ASN A 26 15.54 -6.66 -46.64
N VAL A 27 15.94 -7.32 -45.55
CA VAL A 27 15.07 -8.33 -44.94
C VAL A 27 14.75 -8.07 -43.46
N ILE A 28 13.47 -7.99 -43.18
CA ILE A 28 13.03 -8.07 -41.80
C ILE A 28 12.78 -9.56 -41.45
N TRP A 29 13.64 -10.10 -40.61
CA TRP A 29 13.57 -11.52 -40.26
C TRP A 29 13.02 -11.68 -38.85
N PHE A 30 11.77 -12.15 -38.82
CA PHE A 30 11.05 -12.36 -37.59
C PHE A 30 11.56 -13.62 -36.93
N ARG A 31 11.70 -13.53 -35.62
CA ARG A 31 11.83 -14.68 -34.73
C ARG A 31 10.88 -14.47 -33.53
N HIS A 32 10.84 -13.24 -33.02
CA HIS A 32 9.98 -12.91 -31.90
C HIS A 32 9.27 -11.55 -32.14
N GLY A 33 9.84 -10.71 -33.00
CA GLY A 33 9.27 -9.39 -33.26
C GLY A 33 7.78 -9.44 -33.51
N LEU A 34 7.37 -10.36 -34.36
CA LEU A 34 5.96 -10.67 -34.64
C LEU A 34 4.99 -9.49 -34.64
N ARG A 35 5.52 -8.29 -34.83
CA ARG A 35 4.67 -7.15 -34.87
C ARG A 35 5.26 -6.08 -35.76
N LEU A 36 4.41 -5.12 -36.11
CA LEU A 36 4.73 -4.05 -37.04
C LEU A 36 5.03 -2.72 -36.33
N HIS A 37 4.69 -2.66 -35.05
CA HIS A 37 4.89 -1.43 -34.28
C HIS A 37 6.03 -1.54 -33.33
N ASP A 38 6.58 -0.39 -32.98
CA ASP A 38 7.82 -0.35 -32.23
C ASP A 38 8.68 -1.47 -32.77
N ASN A 39 8.75 -1.58 -34.09
CA ASN A 39 9.62 -2.56 -34.72
C ASN A 39 10.72 -1.83 -35.45
N PRO A 40 11.80 -1.49 -34.72
CA PRO A 40 13.05 -0.81 -35.07
C PRO A 40 13.84 -1.49 -36.19
N ALA A 41 13.87 -2.82 -36.25
CA ALA A 41 14.46 -3.53 -37.38
C ALA A 41 13.49 -3.64 -38.57
N LEU A 42 12.19 -3.59 -38.30
CA LEU A 42 11.21 -3.45 -39.38
C LEU A 42 11.45 -2.13 -40.04
N LEU A 43 11.95 -1.19 -39.25
CA LEU A 43 12.17 0.15 -39.73
C LEU A 43 13.52 0.31 -40.42
N ALA A 44 14.57 -0.25 -39.85
CA ALA A 44 15.88 -0.13 -40.48
C ALA A 44 15.85 -0.71 -41.89
N ALA A 45 14.97 -1.70 -42.09
CA ALA A 45 14.81 -2.42 -43.37
C ALA A 45 13.99 -1.66 -44.40
N LEU A 46 13.31 -0.62 -43.94
CA LEU A 46 12.56 0.29 -44.79
C LEU A 46 13.35 1.58 -44.96
N ALA A 47 14.52 1.62 -44.33
CA ALA A 47 15.33 2.83 -44.27
C ALA A 47 15.69 3.33 -45.66
N ASP A 48 15.88 2.37 -46.56
CA ASP A 48 16.29 2.68 -47.92
C ASP A 48 15.16 2.34 -48.86
N LYS A 49 13.98 2.86 -48.58
CA LYS A 49 12.86 2.67 -49.48
C LYS A 49 13.15 3.39 -50.77
N ASP A 50 13.74 4.57 -50.63
CA ASP A 50 13.98 5.46 -51.75
C ASP A 50 14.92 4.93 -52.83
N GLN A 51 16.00 4.29 -52.42
CA GLN A 51 16.92 3.65 -53.37
C GLN A 51 16.33 2.33 -53.89
N GLY A 52 15.04 2.35 -54.20
CA GLY A 52 14.32 1.20 -54.76
C GLY A 52 14.47 -0.12 -54.04
N ILE A 53 15.05 -0.07 -52.84
CA ILE A 53 15.39 -1.24 -52.03
C ILE A 53 14.19 -2.02 -51.53
N ALA A 54 14.09 -3.29 -51.95
CA ALA A 54 12.91 -4.11 -51.65
C ALA A 54 12.91 -4.67 -50.25
N LEU A 55 11.71 -4.81 -49.69
CA LEU A 55 11.53 -5.43 -48.38
C LEU A 55 11.16 -6.91 -48.48
N ILE A 56 11.84 -7.72 -47.69
CA ILE A 56 11.50 -9.11 -47.59
C ILE A 56 11.20 -9.44 -46.13
N PRO A 57 9.89 -9.60 -45.83
CA PRO A 57 9.31 -10.22 -44.64
C PRO A 57 9.57 -11.73 -44.63
N VAL A 58 10.44 -12.15 -43.72
CA VAL A 58 10.87 -13.54 -43.62
C VAL A 58 10.51 -14.13 -42.26
N PHE A 59 10.01 -15.36 -42.29
CA PHE A 59 9.99 -16.17 -41.08
C PHE A 59 10.52 -17.55 -41.38
N ILE A 60 11.23 -18.12 -40.42
CA ILE A 60 11.85 -19.42 -40.69
C ILE A 60 11.57 -20.42 -39.59
N PHE A 61 10.97 -21.54 -39.96
CA PHE A 61 10.78 -22.60 -39.00
C PHE A 61 12.01 -23.48 -39.05
N ASP A 62 13.04 -23.17 -38.27
CA ASP A 62 14.30 -23.92 -38.34
C ASP A 62 14.33 -24.99 -37.27
N GLY A 63 13.16 -25.19 -36.65
CA GLY A 63 12.93 -26.27 -35.72
C GLY A 63 13.24 -25.94 -34.27
N GLU A 64 13.64 -24.71 -34.02
CA GLU A 64 13.92 -24.30 -32.66
C GLU A 64 13.35 -22.91 -32.44
N SER A 65 13.52 -22.04 -33.44
CA SER A 65 13.12 -20.64 -33.38
C SER A 65 11.74 -20.40 -32.80
N ALA A 66 11.56 -19.26 -32.13
CA ALA A 66 10.29 -18.92 -31.50
C ALA A 66 9.78 -20.01 -30.52
N GLY A 67 10.71 -20.65 -29.83
CA GLY A 67 10.35 -21.69 -28.88
C GLY A 67 9.50 -22.77 -29.53
N THR A 68 10.06 -23.36 -30.58
CA THR A 68 9.33 -24.38 -31.30
C THR A 68 10.15 -25.65 -31.25
N LYS A 69 11.22 -25.65 -30.45
CA LYS A 69 11.94 -26.89 -30.20
C LYS A 69 11.07 -27.80 -29.32
N ASN A 70 10.71 -27.33 -28.12
CA ASN A 70 9.91 -28.15 -27.23
C ASN A 70 8.50 -27.61 -27.09
N VAL A 71 7.67 -27.82 -28.10
CA VAL A 71 6.38 -27.14 -28.10
C VAL A 71 5.15 -28.04 -28.12
N GLY A 72 4.21 -27.78 -27.23
CA GLY A 72 2.92 -28.45 -27.29
C GLY A 72 2.05 -27.94 -28.44
N TYR A 73 0.76 -28.26 -28.41
CA TYR A 73 -0.11 -27.92 -29.55
C TYR A 73 -0.65 -26.49 -29.48
N ASN A 74 -0.86 -26.00 -28.25
CA ASN A 74 -1.50 -24.71 -28.03
C ASN A 74 -0.68 -23.50 -28.36
N ARG A 75 0.58 -23.49 -27.93
CA ARG A 75 1.48 -22.39 -28.29
C ARG A 75 1.80 -22.44 -29.78
N MET A 76 1.79 -23.65 -30.36
CA MET A 76 2.08 -23.80 -31.79
C MET A 76 0.94 -23.28 -32.66
N ARG A 77 -0.28 -23.33 -32.14
CA ARG A 77 -1.42 -22.75 -32.82
C ARG A 77 -1.25 -21.24 -32.83
N PHE A 78 -0.83 -20.75 -31.67
CA PHE A 78 -0.65 -19.34 -31.40
C PHE A 78 0.42 -18.71 -32.29
N LEU A 79 1.53 -19.40 -32.48
CA LEU A 79 2.58 -18.85 -33.33
C LEU A 79 2.09 -18.69 -34.78
N LEU A 80 1.26 -19.62 -35.23
CA LEU A 80 0.77 -19.53 -36.58
C LEU A 80 -0.34 -18.47 -36.68
N ASP A 81 -1.06 -18.25 -35.59
CA ASP A 81 -2.05 -17.18 -35.62
C ASP A 81 -1.26 -15.92 -35.89
N SER A 82 -0.23 -15.71 -35.08
CA SER A 82 0.55 -14.50 -35.09
C SER A 82 1.27 -14.27 -36.41
N LEU A 83 1.55 -15.35 -37.14
CA LEU A 83 2.15 -15.21 -38.47
C LEU A 83 1.03 -14.93 -39.47
N GLN A 84 -0.14 -15.49 -39.16
CA GLN A 84 -1.33 -15.31 -39.96
C GLN A 84 -1.60 -13.84 -39.96
N ASP A 85 -1.64 -13.27 -38.75
CA ASP A 85 -1.81 -11.83 -38.56
C ASP A 85 -0.80 -10.99 -39.39
N ILE A 86 0.50 -11.06 -39.07
CA ILE A 86 1.49 -10.29 -39.83
C ILE A 86 1.45 -10.50 -41.34
N ASP A 87 1.10 -11.70 -41.81
CA ASP A 87 0.93 -11.96 -43.25
C ASP A 87 -0.22 -11.10 -43.77
N ASP A 88 -1.36 -11.18 -43.11
CA ASP A 88 -2.47 -10.31 -43.45
C ASP A 88 -1.96 -8.88 -43.39
N GLN A 89 -1.80 -8.33 -42.20
CA GLN A 89 -1.32 -6.97 -42.08
C GLN A 89 -0.46 -6.44 -43.26
N LEU A 90 0.58 -7.19 -43.58
CA LEU A 90 1.48 -6.82 -44.68
C LEU A 90 0.78 -6.74 -46.02
N GLN A 91 -0.14 -7.66 -46.27
CA GLN A 91 -0.91 -7.59 -47.50
C GLN A 91 -1.76 -6.34 -47.61
N ALA A 92 -2.76 -6.21 -46.72
CA ALA A 92 -3.74 -5.13 -46.78
C ALA A 92 -3.22 -3.73 -46.43
N ALA A 93 -1.92 -3.51 -46.62
CA ALA A 93 -1.31 -2.19 -46.50
C ALA A 93 -0.55 -1.88 -47.78
N THR A 94 -0.50 -2.86 -48.68
CA THR A 94 0.13 -2.73 -50.00
C THR A 94 -0.69 -3.54 -51.00
N ASP A 95 -2.01 -3.40 -50.89
CA ASP A 95 -3.02 -4.22 -51.58
C ASP A 95 -2.50 -5.48 -52.29
N GLY A 96 -2.14 -6.47 -51.47
CA GLY A 96 -1.73 -7.77 -51.96
C GLY A 96 -0.39 -7.75 -52.66
N ARG A 97 0.35 -6.66 -52.51
CA ARG A 97 1.66 -6.56 -53.15
C ARG A 97 2.71 -7.40 -52.42
N GLY A 98 3.18 -6.95 -51.26
CA GLY A 98 4.07 -7.78 -50.46
C GLY A 98 3.35 -8.64 -49.43
N ARG A 99 3.89 -9.82 -49.16
CA ARG A 99 3.36 -10.65 -48.08
C ARG A 99 4.46 -11.05 -47.09
N LEU A 100 4.15 -11.96 -46.18
CA LEU A 100 5.17 -12.53 -45.34
C LEU A 100 5.56 -13.91 -45.88
N LEU A 101 6.86 -14.11 -46.13
CA LEU A 101 7.36 -15.39 -46.65
C LEU A 101 7.79 -16.32 -45.52
N VAL A 102 7.13 -17.48 -45.42
CA VAL A 102 7.48 -18.46 -44.39
C VAL A 102 8.16 -19.71 -44.95
N PHE A 103 9.43 -19.88 -44.59
CA PHE A 103 10.19 -21.07 -44.95
C PHE A 103 10.27 -22.03 -43.79
N GLU A 104 10.30 -23.31 -44.11
CA GLU A 104 10.70 -24.30 -43.13
C GLU A 104 12.10 -24.75 -43.56
N GLY A 105 13.12 -24.42 -42.76
CA GLY A 105 14.48 -24.62 -43.23
C GLY A 105 15.58 -24.39 -42.21
N GLU A 106 16.82 -24.34 -42.72
CA GLU A 106 17.93 -23.80 -41.94
C GLU A 106 18.07 -22.34 -42.34
N PRO A 107 18.50 -21.49 -41.42
CA PRO A 107 18.49 -20.09 -41.84
C PRO A 107 19.78 -19.62 -42.56
N ALA A 108 20.93 -19.79 -41.91
CA ALA A 108 22.20 -19.42 -42.54
C ALA A 108 22.29 -19.94 -43.96
N TYR A 109 21.41 -20.90 -44.30
CA TYR A 109 21.42 -21.54 -45.60
C TYR A 109 20.37 -20.94 -46.52
N ILE A 110 19.17 -20.72 -45.99
CA ILE A 110 18.16 -20.02 -46.78
C ILE A 110 18.65 -18.62 -47.18
N PHE A 111 19.16 -17.88 -46.21
CA PHE A 111 19.55 -16.52 -46.49
C PHE A 111 20.58 -16.46 -47.61
N ARG A 112 21.43 -17.49 -47.72
CA ARG A 112 22.44 -17.46 -48.78
C ARG A 112 21.82 -17.56 -50.17
N ARG A 113 20.95 -18.53 -50.38
CA ARG A 113 20.35 -18.74 -51.69
C ARG A 113 19.68 -17.46 -52.14
N LEU A 114 18.85 -16.93 -51.25
CA LEU A 114 18.12 -15.74 -51.55
C LEU A 114 19.02 -14.49 -51.78
N HIS A 115 20.25 -14.52 -51.27
CA HIS A 115 21.22 -13.48 -51.56
C HIS A 115 21.80 -13.74 -52.94
N GLU A 116 21.72 -14.98 -53.41
CA GLU A 116 22.08 -15.32 -54.79
C GLU A 116 20.97 -14.97 -55.80
N GLN A 117 19.73 -14.85 -55.33
CA GLN A 117 18.57 -14.60 -56.21
C GLN A 117 18.29 -13.12 -56.31
N VAL A 118 18.76 -12.38 -55.32
CA VAL A 118 18.58 -10.94 -55.25
C VAL A 118 19.62 -10.35 -54.31
N ARG A 119 20.27 -9.27 -54.74
CA ARG A 119 21.24 -8.59 -53.89
C ARG A 119 20.63 -8.31 -52.52
N LEU A 120 21.31 -8.80 -51.49
CA LEU A 120 20.82 -8.71 -50.13
C LEU A 120 21.61 -7.68 -49.36
N HIS A 121 21.00 -6.51 -49.16
CA HIS A 121 21.64 -5.36 -48.51
C HIS A 121 21.75 -5.44 -46.99
N ARG A 122 20.64 -5.38 -46.30
CA ARG A 122 20.68 -5.51 -44.85
C ARG A 122 19.80 -6.70 -44.41
N ILE A 123 20.25 -7.39 -43.37
CA ILE A 123 19.39 -8.36 -42.69
C ILE A 123 18.98 -7.79 -41.34
N CYS A 124 17.70 -7.53 -41.16
CA CYS A 124 17.26 -6.86 -39.96
C CYS A 124 16.57 -7.82 -38.99
N ILE A 125 16.95 -7.70 -37.71
CA ILE A 125 16.48 -8.59 -36.67
C ILE A 125 16.28 -7.82 -35.37
N GLU A 126 15.34 -8.32 -34.55
CA GLU A 126 15.21 -7.90 -33.16
C GLU A 126 16.13 -8.76 -32.27
N GLN A 127 16.78 -8.12 -31.29
CA GLN A 127 17.71 -8.81 -30.41
C GLN A 127 16.97 -9.93 -29.69
N ASP A 128 17.64 -11.07 -29.62
CA ASP A 128 17.11 -12.25 -28.96
C ASP A 128 18.06 -12.62 -27.85
N CYS A 129 18.19 -11.79 -26.82
CA CYS A 129 19.22 -12.00 -25.82
C CYS A 129 19.35 -13.41 -25.19
N GLU A 130 18.25 -14.15 -25.01
CA GLU A 130 18.35 -15.47 -24.38
C GLU A 130 19.59 -16.19 -24.94
N PRO A 131 20.50 -16.68 -24.07
CA PRO A 131 21.77 -17.26 -24.53
C PRO A 131 21.65 -18.26 -25.68
N ILE A 132 20.55 -19.00 -25.71
CA ILE A 132 20.39 -20.09 -26.65
C ILE A 132 20.38 -19.64 -28.13
N TRP A 133 19.73 -18.52 -28.39
CA TRP A 133 19.70 -17.96 -29.74
C TRP A 133 21.06 -17.37 -30.14
N ASN A 134 22.03 -17.42 -29.23
CA ASN A 134 23.36 -16.87 -29.50
C ASN A 134 24.09 -17.71 -30.51
N GLU A 135 23.70 -18.99 -30.61
CA GLU A 135 24.25 -19.90 -31.61
C GLU A 135 23.73 -19.56 -32.99
N ARG A 136 22.45 -19.85 -33.22
CA ARG A 136 21.76 -19.53 -34.47
C ARG A 136 22.11 -18.14 -34.98
N ASP A 137 22.03 -17.17 -34.08
CA ASP A 137 22.22 -15.80 -34.48
C ASP A 137 23.66 -15.58 -34.95
N GLU A 138 24.62 -16.06 -34.15
CA GLU A 138 26.01 -16.05 -34.56
C GLU A 138 26.16 -16.44 -36.03
N SER A 139 25.69 -17.63 -36.37
CA SER A 139 25.70 -18.14 -37.75
C SER A 139 25.59 -17.04 -38.82
N ILE A 140 24.50 -16.30 -38.80
CA ILE A 140 24.24 -15.32 -39.85
C ILE A 140 25.05 -14.05 -39.62
N ARG A 141 25.33 -13.76 -38.36
CA ARG A 141 26.18 -12.63 -38.01
C ARG A 141 27.42 -12.78 -38.87
N SER A 142 27.90 -14.02 -38.89
CA SER A 142 29.05 -14.43 -39.68
C SER A 142 28.77 -14.33 -41.18
N LEU A 143 27.72 -14.99 -41.66
CA LEU A 143 27.42 -15.05 -43.09
C LEU A 143 27.41 -13.67 -43.71
N CYS A 144 26.94 -12.70 -42.94
CA CYS A 144 26.93 -11.33 -43.41
C CYS A 144 28.38 -10.86 -43.56
N ARG A 145 29.18 -10.98 -42.49
CA ARG A 145 30.62 -10.77 -42.61
C ARG A 145 31.12 -11.47 -43.86
N GLU A 146 30.88 -12.78 -43.95
CA GLU A 146 31.29 -13.57 -45.11
C GLU A 146 30.83 -13.01 -46.43
N LEU A 147 29.59 -12.51 -46.50
CA LEU A 147 29.06 -12.01 -47.78
C LEU A 147 28.97 -10.48 -47.86
N ASN A 148 29.41 -9.80 -46.80
CA ASN A 148 29.39 -8.35 -46.75
C ASN A 148 27.95 -7.88 -46.77
N ILE A 149 27.15 -8.38 -45.83
CA ILE A 149 25.78 -7.93 -45.67
C ILE A 149 25.58 -7.22 -44.32
N ASP A 150 25.05 -6.01 -44.36
CA ASP A 150 24.74 -5.29 -43.14
C ASP A 150 23.80 -6.11 -42.26
N PHE A 151 24.32 -6.55 -41.13
CA PHE A 151 23.59 -7.34 -40.17
C PHE A 151 22.98 -6.40 -39.12
N VAL A 152 21.72 -6.03 -39.33
CA VAL A 152 21.03 -5.08 -38.45
C VAL A 152 20.33 -5.70 -37.25
N GLU A 153 20.72 -5.24 -36.06
CA GLU A 153 20.17 -5.78 -34.81
C GLU A 153 19.65 -4.69 -33.86
N LYS A 154 18.33 -4.53 -33.82
CA LYS A 154 17.72 -3.55 -32.93
C LYS A 154 17.20 -4.22 -31.63
N VAL A 155 17.46 -3.60 -30.47
CA VAL A 155 17.01 -4.10 -29.17
C VAL A 155 15.58 -3.64 -28.83
N SER A 156 14.60 -4.55 -28.79
CA SER A 156 13.23 -4.11 -28.52
C SER A 156 12.30 -5.14 -27.92
N HIS A 157 12.83 -6.29 -27.53
CA HIS A 157 11.99 -7.34 -26.96
C HIS A 157 12.01 -7.14 -25.48
N THR A 158 13.16 -6.70 -24.97
CA THR A 158 13.32 -6.28 -23.58
C THR A 158 13.08 -4.77 -23.47
N LEU A 159 12.97 -4.26 -22.23
CA LEU A 159 12.67 -2.86 -22.02
C LEU A 159 13.92 -2.04 -22.24
N TRP A 160 15.04 -2.55 -21.72
CA TRP A 160 16.35 -1.89 -21.85
C TRP A 160 17.27 -2.77 -22.67
N ASP A 161 18.54 -2.42 -22.65
CA ASP A 161 19.59 -3.23 -23.27
C ASP A 161 20.28 -4.03 -22.18
N PRO A 162 19.88 -5.30 -21.98
CA PRO A 162 20.31 -6.05 -20.79
C PRO A 162 21.83 -6.00 -20.55
N GLN A 163 22.58 -5.57 -21.56
CA GLN A 163 24.01 -5.44 -21.40
C GLN A 163 24.38 -4.19 -20.61
N LEU A 164 23.51 -3.19 -20.57
CA LEU A 164 23.71 -2.01 -19.72
C LEU A 164 23.42 -2.35 -18.26
N VAL A 165 22.27 -2.98 -18.05
CA VAL A 165 21.88 -3.52 -16.75
C VAL A 165 23.01 -4.36 -16.18
N ILE A 166 23.40 -5.42 -16.89
CA ILE A 166 24.52 -6.23 -16.41
C ILE A 166 25.80 -5.43 -16.26
N GLU A 167 26.07 -4.51 -17.20
CA GLU A 167 27.21 -3.61 -17.11
C GLU A 167 27.07 -2.71 -15.87
N THR A 168 26.07 -1.83 -15.87
CA THR A 168 25.81 -0.99 -14.70
C THR A 168 25.96 -1.75 -13.36
N ASN A 169 25.24 -2.85 -13.16
CA ASN A 169 25.38 -3.62 -11.91
C ASN A 169 26.76 -4.26 -11.74
N GLY A 170 27.69 -3.93 -12.62
CA GLY A 170 29.07 -4.32 -12.41
C GLY A 170 29.44 -5.62 -13.07
N GLY A 171 28.98 -5.78 -14.30
CA GLY A 171 29.38 -6.90 -15.14
C GLY A 171 28.56 -8.15 -14.94
N ILE A 172 27.77 -8.15 -13.88
CA ILE A 172 26.90 -9.29 -13.57
C ILE A 172 25.45 -8.85 -13.38
N PRO A 173 24.50 -9.62 -13.96
CA PRO A 173 23.09 -9.29 -13.83
C PRO A 173 22.72 -9.34 -12.39
N PRO A 174 21.94 -8.35 -11.93
CA PRO A 174 21.40 -8.48 -10.57
C PRO A 174 20.60 -9.79 -10.45
N LEU A 175 20.79 -10.46 -9.32
CA LEU A 175 20.09 -11.70 -8.96
C LEU A 175 18.94 -11.47 -7.99
N THR A 176 18.70 -10.22 -7.62
CA THR A 176 17.59 -9.93 -6.74
C THR A 176 16.74 -8.75 -7.22
N TYR A 177 15.43 -8.85 -7.03
CA TYR A 177 14.49 -7.89 -7.62
C TYR A 177 14.80 -6.47 -7.15
N GLN A 178 15.05 -6.33 -5.86
CA GLN A 178 15.45 -5.04 -5.32
C GLN A 178 16.61 -4.50 -6.12
N MET A 179 17.58 -5.37 -6.40
CA MET A 179 18.78 -4.97 -7.10
C MET A 179 18.44 -4.45 -8.46
N PHE A 180 17.99 -5.35 -9.30
CA PHE A 180 17.55 -4.97 -10.64
C PHE A 180 16.90 -3.57 -10.67
N LEU A 181 15.93 -3.35 -9.78
CA LEU A 181 15.26 -2.05 -9.70
C LEU A 181 16.20 -0.85 -9.47
N HIS A 182 17.03 -1.02 -8.46
CA HIS A 182 18.06 -0.06 -8.08
C HIS A 182 19.04 0.18 -9.22
N THR A 183 19.26 -0.85 -10.01
CA THR A 183 20.08 -0.77 -11.20
C THR A 183 19.42 -0.01 -12.37
N VAL A 184 18.13 -0.24 -12.60
CA VAL A 184 17.48 0.46 -13.68
C VAL A 184 16.93 1.78 -13.19
N GLN A 185 17.43 2.22 -12.04
CA GLN A 185 17.03 3.52 -11.53
C GLN A 185 18.24 4.40 -11.55
N ILE A 186 19.39 3.75 -11.63
CA ILE A 186 20.64 4.39 -11.97
C ILE A 186 20.63 4.76 -13.46
N ILE A 187 20.25 3.77 -14.26
CA ILE A 187 20.00 3.94 -15.67
C ILE A 187 18.76 4.81 -15.81
N GLY A 188 18.47 5.29 -17.01
CA GLY A 188 17.29 6.11 -17.23
C GLY A 188 15.98 5.33 -17.21
N LEU A 189 14.90 6.00 -17.62
CA LEU A 189 13.66 5.33 -17.98
C LEU A 189 13.82 4.52 -19.28
N PRO A 190 12.83 3.67 -19.59
CA PRO A 190 13.11 2.94 -20.83
C PRO A 190 12.79 3.75 -22.09
N PRO A 191 13.47 3.42 -23.19
CA PRO A 191 13.18 3.86 -24.56
C PRO A 191 11.69 3.87 -24.86
N ARG A 192 11.31 4.59 -25.90
CA ARG A 192 9.89 4.73 -26.22
C ARG A 192 9.57 4.10 -27.57
N PRO A 193 8.37 3.53 -27.68
CA PRO A 193 7.93 2.82 -28.87
C PRO A 193 8.29 3.56 -30.17
N THR A 194 9.14 2.98 -31.02
CA THR A 194 9.48 3.64 -32.28
C THR A 194 8.31 3.77 -33.22
N ALA A 195 8.44 4.72 -34.15
CA ALA A 195 7.35 5.13 -35.00
C ALA A 195 6.52 3.97 -35.58
N ASP A 196 5.28 4.25 -35.93
CA ASP A 196 4.51 3.36 -36.78
C ASP A 196 5.25 3.20 -38.10
N ALA A 197 5.25 1.99 -38.63
CA ALA A 197 6.03 1.67 -39.81
C ALA A 197 5.29 2.03 -41.09
N ARG A 198 6.00 2.64 -42.05
CA ARG A 198 5.38 3.06 -43.29
C ARG A 198 5.63 2.03 -44.39
N LEU A 199 4.56 1.44 -44.92
CA LEU A 199 4.74 0.40 -45.94
C LEU A 199 3.76 0.52 -47.11
N GLU A 200 2.84 1.47 -47.04
CA GLU A 200 1.93 1.68 -48.15
C GLU A 200 2.73 1.86 -49.44
N ASP A 201 3.87 2.53 -49.32
CA ASP A 201 4.75 2.81 -50.45
C ASP A 201 6.08 2.03 -50.33
N ALA A 202 6.11 0.79 -50.80
CA ALA A 202 7.29 -0.05 -50.59
C ALA A 202 7.35 -1.27 -51.51
N THR A 203 8.58 -1.62 -51.88
CA THR A 203 8.89 -2.62 -52.90
C THR A 203 8.78 -4.03 -52.38
N PHE A 204 8.59 -4.97 -53.29
CA PHE A 204 8.50 -6.37 -52.88
C PHE A 204 9.10 -7.40 -53.83
N VAL A 205 10.13 -8.04 -53.31
CA VAL A 205 10.77 -9.17 -53.96
C VAL A 205 9.77 -10.14 -54.57
N GLU A 206 9.85 -10.30 -55.89
CA GLU A 206 9.14 -11.37 -56.58
C GLU A 206 10.17 -12.47 -56.83
N LEU A 207 9.81 -13.71 -56.53
CA LEU A 207 10.78 -14.80 -56.54
C LEU A 207 10.49 -15.94 -57.50
N ASP A 208 11.50 -16.29 -58.31
CA ASP A 208 11.42 -17.38 -59.27
C ASP A 208 10.85 -18.65 -58.62
N PRO A 209 9.62 -19.01 -59.00
CA PRO A 209 8.82 -20.00 -58.28
C PRO A 209 9.53 -21.33 -58.02
N GLU A 210 10.54 -21.66 -58.84
CA GLU A 210 11.35 -22.85 -58.63
C GLU A 210 12.15 -22.68 -57.36
N PHE A 211 12.55 -21.44 -57.13
CA PHE A 211 13.34 -21.14 -55.97
C PHE A 211 12.49 -21.33 -54.71
N CYS A 212 11.20 -21.04 -54.81
CA CYS A 212 10.28 -21.16 -53.68
C CYS A 212 10.00 -22.59 -53.33
N ARG A 213 9.70 -23.36 -54.36
CA ARG A 213 9.50 -24.78 -54.18
C ARG A 213 10.79 -25.36 -53.65
N SER A 214 11.88 -25.10 -54.38
CA SER A 214 13.19 -25.61 -54.02
C SER A 214 13.62 -25.20 -52.61
N LEU A 215 13.20 -24.01 -52.14
CA LEU A 215 13.62 -23.57 -50.81
C LEU A 215 12.65 -23.90 -49.66
N LYS A 216 11.57 -24.58 -50.01
CA LYS A 216 10.62 -25.11 -49.03
C LYS A 216 9.62 -24.03 -48.58
N LEU A 217 9.69 -22.86 -49.23
CA LEU A 217 8.77 -21.76 -48.92
C LEU A 217 7.30 -22.16 -49.02
N PHE A 218 6.55 -21.95 -47.95
CA PHE A 218 5.12 -22.26 -47.94
C PHE A 218 4.33 -21.33 -48.86
N GLU A 219 3.29 -21.89 -49.45
CA GLU A 219 2.32 -21.10 -50.18
C GLU A 219 1.15 -20.86 -49.22
N GLN A 220 0.86 -21.91 -48.47
CA GLN A 220 -0.19 -21.92 -47.49
C GLN A 220 0.41 -22.08 -46.08
N LEU A 221 0.23 -21.07 -45.24
CA LEU A 221 0.72 -21.15 -43.86
C LEU A 221 0.31 -22.46 -43.18
N PRO A 222 1.31 -23.27 -42.75
CA PRO A 222 1.19 -24.62 -42.15
C PRO A 222 0.23 -24.82 -40.98
N THR A 223 0.23 -26.06 -40.52
CA THR A 223 -0.48 -26.43 -39.32
C THR A 223 0.42 -27.26 -38.41
N PRO A 224 0.12 -27.23 -37.10
CA PRO A 224 0.80 -28.01 -36.08
C PRO A 224 1.09 -29.40 -36.62
N GLU A 225 0.07 -29.97 -37.25
CA GLU A 225 0.17 -31.27 -37.91
C GLU A 225 1.40 -31.42 -38.81
N HIS A 226 1.82 -30.32 -39.44
CA HIS A 226 2.93 -30.31 -40.39
C HIS A 226 4.30 -30.48 -39.70
N PHE A 227 4.39 -29.99 -38.47
CA PHE A 227 5.60 -30.12 -37.67
C PHE A 227 5.35 -31.20 -36.62
N ASN A 228 4.60 -32.21 -37.02
CA ASN A 228 4.27 -33.36 -36.18
C ASN A 228 3.74 -33.04 -34.76
N VAL A 229 3.02 -31.93 -34.65
CA VAL A 229 2.41 -31.49 -33.39
C VAL A 229 0.90 -31.70 -33.39
N TYR A 230 0.41 -32.56 -32.49
CA TYR A 230 -1.02 -32.86 -32.45
C TYR A 230 -1.65 -32.53 -31.11
N GLY A 231 -2.96 -32.29 -31.12
CA GLY A 231 -3.66 -31.82 -29.93
C GLY A 231 -4.48 -32.85 -29.16
N ASP A 232 -4.01 -33.22 -27.99
CA ASP A 232 -4.78 -34.09 -27.12
C ASP A 232 -4.98 -33.45 -25.75
N ALA A 238 -10.46 -27.47 -22.62
CA ALA A 238 -10.31 -26.46 -23.68
C ALA A 238 -11.34 -25.33 -23.55
N LYS A 239 -11.80 -25.11 -22.32
CA LYS A 239 -12.94 -24.24 -22.03
C LYS A 239 -12.65 -22.73 -22.03
N ILE A 240 -12.12 -22.25 -23.16
CA ILE A 240 -11.75 -20.85 -23.43
C ILE A 240 -10.64 -20.99 -24.45
N ASN A 241 -10.24 -19.89 -25.11
CA ASN A 241 -8.93 -19.87 -25.75
C ASN A 241 -8.54 -18.59 -26.48
N TRP A 242 -7.30 -18.60 -26.93
CA TRP A 242 -6.53 -17.41 -27.15
C TRP A 242 -6.26 -17.20 -28.63
N ARG A 243 -6.53 -15.98 -29.10
CA ARG A 243 -6.21 -15.58 -30.46
C ARG A 243 -4.83 -14.95 -30.42
N GLY A 244 -3.94 -15.39 -31.31
CA GLY A 244 -2.62 -14.80 -31.43
C GLY A 244 -2.51 -13.53 -32.28
N GLY A 245 -1.29 -13.02 -32.30
CA GLY A 245 -0.92 -11.93 -33.20
C GLY A 245 -1.05 -10.54 -32.63
N GLU A 246 -0.19 -9.67 -33.13
CA GLU A 246 -0.22 -8.22 -32.88
C GLU A 246 -1.60 -7.58 -32.74
N THR A 247 -2.61 -8.17 -33.37
CA THR A 247 -3.91 -7.52 -33.40
C THR A 247 -4.79 -7.77 -32.18
N GLN A 248 -5.16 -9.04 -31.96
CA GLN A 248 -5.78 -9.42 -30.69
C GLN A 248 -4.95 -8.82 -29.57
N ALA A 249 -3.65 -8.61 -29.85
CA ALA A 249 -2.70 -8.07 -28.87
C ALA A 249 -3.02 -6.63 -28.50
N LEU A 250 -3.13 -5.77 -29.50
CA LEU A 250 -3.38 -4.37 -29.22
C LEU A 250 -4.81 -4.20 -28.68
N LEU A 251 -5.75 -5.03 -29.16
CA LEU A 251 -7.08 -5.09 -28.56
C LEU A 251 -6.93 -5.31 -27.06
N LEU A 252 -6.45 -6.48 -26.67
CA LEU A 252 -6.26 -6.81 -25.24
C LEU A 252 -5.52 -5.75 -24.41
N LEU A 253 -4.76 -4.88 -25.07
CA LEU A 253 -3.98 -3.84 -24.37
C LEU A 253 -4.83 -2.67 -23.97
N ASP A 254 -5.80 -2.38 -24.83
CA ASP A 254 -6.75 -1.29 -24.63
C ASP A 254 -7.87 -1.70 -23.70
N GLU A 255 -8.17 -2.99 -23.66
CA GLU A 255 -9.18 -3.50 -22.76
C GLU A 255 -8.71 -3.46 -21.32
N ARG A 256 -7.45 -3.82 -21.07
CA ARG A 256 -6.87 -3.63 -19.73
C ARG A 256 -6.41 -2.20 -19.53
N LEU A 257 -6.22 -1.43 -20.60
CA LEU A 257 -5.89 -0.02 -20.41
C LEU A 257 -7.06 0.78 -19.88
N LYS A 258 -8.23 0.58 -20.50
CA LYS A 258 -9.49 1.14 -20.00
C LYS A 258 -9.74 0.76 -18.54
N VAL A 259 -9.86 -0.53 -18.27
CA VAL A 259 -10.32 -0.94 -16.96
C VAL A 259 -9.48 -0.32 -15.86
N GLU A 260 -8.25 0.01 -16.20
CA GLU A 260 -7.27 0.61 -15.27
C GLU A 260 -7.29 2.14 -15.25
N GLN A 261 -7.76 2.74 -16.35
CA GLN A 261 -8.11 4.15 -16.31
C GLN A 261 -9.29 4.22 -15.38
N HIS A 262 -10.36 3.51 -15.72
CA HIS A 262 -11.54 3.43 -14.89
C HIS A 262 -11.24 3.40 -13.40
N ALA A 263 -10.13 2.77 -13.03
CA ALA A 263 -9.71 2.66 -11.64
C ALA A 263 -8.98 3.91 -11.31
N PHE A 264 -7.94 4.17 -12.09
CA PHE A 264 -7.14 5.38 -11.97
C PHE A 264 -8.03 6.58 -11.69
N GLU A 265 -9.03 6.72 -12.53
CA GLU A 265 -9.98 7.81 -12.42
C GLU A 265 -10.74 7.82 -11.10
N ARG A 266 -11.37 6.69 -10.80
CA ARG A 266 -12.28 6.57 -9.68
C ARG A 266 -11.52 6.58 -8.37
N GLY A 267 -10.93 7.73 -8.08
CA GLY A 267 -9.90 7.80 -7.07
C GLY A 267 -8.96 6.67 -7.43
N PHE A 268 -8.28 6.15 -6.42
CA PHE A 268 -7.61 4.87 -6.51
C PHE A 268 -8.58 3.90 -5.85
N TYR A 269 -8.62 2.66 -6.31
CA TYR A 269 -9.51 1.75 -5.60
C TYR A 269 -9.35 0.32 -6.14
N LEU A 270 -9.70 0.09 -7.40
CA LEU A 270 -9.72 -1.30 -7.89
C LEU A 270 -10.55 -2.21 -6.95
N PRO A 271 -11.74 -1.78 -6.49
CA PRO A 271 -12.39 -2.51 -5.40
C PRO A 271 -11.36 -3.16 -4.48
N ASN A 272 -11.52 -4.32 -3.82
CA ASN A 272 -12.72 -5.15 -3.69
C ASN A 272 -12.90 -6.08 -4.90
N GLN A 273 -11.76 -6.35 -5.54
CA GLN A 273 -11.61 -7.27 -6.67
C GLN A 273 -10.34 -6.97 -7.47
N ALA A 274 -9.28 -6.64 -6.75
CA ALA A 274 -7.94 -6.63 -7.28
C ALA A 274 -7.25 -7.63 -6.38
N LEU A 275 -8.06 -8.50 -5.80
CA LEU A 275 -7.54 -9.74 -5.26
C LEU A 275 -7.77 -10.83 -6.34
N PRO A 276 -6.95 -11.88 -6.31
CA PRO A 276 -6.83 -12.82 -7.43
C PRO A 276 -8.07 -13.66 -7.79
N ASN A 277 -8.71 -13.27 -8.88
CA ASN A 277 -9.75 -14.08 -9.51
C ASN A 277 -9.13 -14.97 -10.59
N ILE A 278 -9.28 -16.28 -10.42
CA ILE A 278 -8.76 -17.25 -11.40
C ILE A 278 -9.68 -17.55 -12.59
N HIS A 279 -10.99 -17.45 -12.36
CA HIS A 279 -12.03 -17.61 -13.40
C HIS A 279 -12.43 -16.27 -14.07
N ASP A 280 -11.44 -15.54 -14.54
CA ASP A 280 -11.64 -14.29 -15.26
C ASP A 280 -11.49 -14.64 -16.72
N SER A 281 -11.57 -13.65 -17.61
CA SER A 281 -11.54 -13.89 -19.07
C SER A 281 -10.24 -14.54 -19.58
N PRO A 282 -10.13 -14.71 -20.91
CA PRO A 282 -8.79 -14.82 -21.49
C PRO A 282 -8.15 -13.42 -21.59
N LYS A 283 -7.81 -12.86 -20.42
CA LYS A 283 -7.48 -11.44 -20.26
C LYS A 283 -6.04 -11.12 -20.57
N SER A 284 -5.15 -12.06 -20.27
CA SER A 284 -3.73 -11.79 -20.12
C SER A 284 -2.91 -11.62 -21.39
N MET A 285 -2.03 -10.63 -21.37
CA MET A 285 -1.22 -10.34 -22.53
C MET A 285 0.15 -11.03 -22.49
N SER A 286 0.28 -12.04 -21.63
CA SER A 286 1.57 -12.64 -21.32
C SER A 286 2.22 -13.40 -22.49
N ALA A 287 1.38 -14.04 -23.31
CA ALA A 287 1.91 -14.82 -24.42
C ALA A 287 2.06 -13.94 -25.64
N HIS A 288 1.37 -12.80 -25.65
CA HIS A 288 1.56 -11.81 -26.73
C HIS A 288 2.86 -11.07 -26.55
N LEU A 289 3.21 -10.81 -25.30
CA LEU A 289 4.53 -10.29 -24.96
C LEU A 289 5.64 -11.29 -25.27
N ARG A 290 5.32 -12.58 -25.12
CA ARG A 290 6.33 -13.61 -25.26
C ARG A 290 6.69 -13.79 -26.70
N PHE A 291 5.71 -13.62 -27.59
CA PHE A 291 6.00 -13.70 -29.02
C PHE A 291 6.17 -12.33 -29.68
N GLY A 292 6.30 -11.28 -28.87
CA GLY A 292 6.49 -9.95 -29.38
C GLY A 292 5.24 -9.30 -29.96
N CYS A 293 4.13 -10.03 -30.07
CA CYS A 293 2.91 -9.46 -30.69
C CYS A 293 2.63 -8.06 -30.19
N LEU A 294 3.03 -7.80 -28.95
CA LEU A 294 2.82 -6.51 -28.35
C LEU A 294 4.18 -6.05 -27.81
N SER A 295 4.60 -4.87 -28.24
CA SER A 295 5.79 -4.26 -27.67
C SER A 295 5.55 -4.05 -26.18
N VAL A 296 6.59 -4.25 -25.39
CA VAL A 296 6.52 -3.98 -23.96
C VAL A 296 6.72 -2.48 -23.73
N ARG A 297 7.48 -1.86 -24.62
CA ARG A 297 7.74 -0.44 -24.46
C ARG A 297 6.47 0.32 -24.75
N ARG A 298 5.63 -0.25 -25.61
CA ARG A 298 4.26 0.24 -25.74
C ARG A 298 3.53 0.08 -24.43
N PHE A 299 3.48 -1.16 -23.94
CA PHE A 299 2.79 -1.49 -22.70
C PHE A 299 3.33 -0.65 -21.55
N TYR A 300 4.64 -0.65 -21.38
CA TYR A 300 5.24 0.12 -20.30
C TYR A 300 4.83 1.61 -20.27
N TRP A 301 4.69 2.21 -21.45
CA TRP A 301 4.57 3.66 -21.57
C TRP A 301 3.14 4.08 -21.72
N SER A 302 2.32 3.24 -22.33
CA SER A 302 0.89 3.53 -22.37
C SER A 302 0.31 3.49 -20.94
N VAL A 303 0.91 2.67 -20.08
CA VAL A 303 0.63 2.73 -18.65
C VAL A 303 1.21 4.02 -18.06
N HIS A 304 2.55 4.11 -17.97
CA HIS A 304 3.26 5.33 -17.53
C HIS A 304 2.64 6.67 -17.91
N ASP A 305 2.31 6.85 -19.19
CA ASP A 305 1.46 7.98 -19.60
C ASP A 305 0.20 8.02 -18.76
N LEU A 306 -0.75 7.12 -19.03
CA LEU A 306 -2.06 7.09 -18.34
C LEU A 306 -2.00 7.66 -16.94
N PHE A 307 -0.91 7.42 -16.23
CA PHE A 307 -0.77 7.87 -14.86
C PHE A 307 0.09 9.13 -14.84
N LYS A 308 1.17 9.14 -15.61
CA LYS A 308 2.01 10.33 -15.81
C LYS A 308 1.91 11.34 -14.70
N ASN A 309 2.08 10.91 -13.46
CA ASN A 309 1.86 11.78 -12.31
C ASN A 309 0.38 12.14 -12.09
N VAL A 310 0.12 12.54 -10.85
CA VAL A 310 -1.16 12.47 -10.18
C VAL A 310 -0.67 11.60 -9.05
N GLN A 311 -1.02 11.91 -7.83
CA GLN A 311 -0.45 11.17 -6.72
C GLN A 311 -1.45 10.21 -6.13
N LEU A 312 -1.46 8.96 -6.58
CA LEU A 312 -2.45 7.98 -6.14
C LEU A 312 -2.03 7.33 -4.84
N ARG A 313 -2.44 7.91 -3.72
CA ARG A 313 -2.21 7.29 -2.43
C ARG A 313 -3.13 6.06 -2.30
N ALA A 314 -2.55 4.88 -2.50
CA ALA A 314 -3.28 3.61 -2.44
C ALA A 314 -2.49 2.55 -3.20
N CYS A 315 -2.55 1.31 -2.74
CA CYS A 315 -1.74 0.25 -3.30
C CYS A 315 -2.60 -0.79 -4.01
N VAL A 316 -2.00 -1.66 -4.81
CA VAL A 316 -2.73 -2.83 -5.29
C VAL A 316 -2.28 -4.08 -4.54
N ARG A 317 -1.31 -4.78 -5.11
CA ARG A 317 -0.88 -6.01 -4.52
C ARG A 317 0.26 -5.70 -3.57
N GLY A 318 -0.02 -4.84 -2.60
CA GLY A 318 0.95 -4.42 -1.62
C GLY A 318 1.96 -3.52 -2.27
N VAL A 319 1.77 -3.27 -3.55
CA VAL A 319 2.66 -2.45 -4.34
C VAL A 319 1.99 -1.11 -4.47
N GLN A 320 2.73 -0.02 -4.19
CA GLN A 320 2.24 1.32 -4.45
C GLN A 320 1.59 1.35 -5.82
N MET A 321 0.69 2.26 -6.05
CA MET A 321 0.01 2.21 -7.35
C MET A 321 0.04 3.55 -8.04
N THR A 322 0.64 4.55 -7.42
CA THR A 322 0.78 5.83 -8.08
C THR A 322 1.83 5.72 -9.18
N GLY A 323 1.63 6.43 -10.28
CA GLY A 323 2.59 6.39 -11.38
C GLY A 323 2.57 5.09 -12.17
N GLY A 324 1.54 4.28 -11.95
CA GLY A 324 1.42 2.99 -12.60
C GLY A 324 2.40 1.98 -12.03
N ALA A 325 3.17 2.41 -11.03
CA ALA A 325 4.21 1.60 -10.40
C ALA A 325 3.83 0.13 -10.12
N HIS A 326 2.52 -0.13 -9.96
CA HIS A 326 1.98 -1.47 -9.72
C HIS A 326 1.90 -2.42 -10.98
N ILE A 327 1.60 -1.85 -12.14
CA ILE A 327 1.51 -2.63 -13.38
C ILE A 327 2.76 -2.49 -14.26
N THR A 328 3.47 -1.37 -14.13
CA THR A 328 4.84 -1.29 -14.64
C THR A 328 5.65 -2.47 -14.07
N GLY A 329 5.83 -2.46 -12.75
CA GLY A 329 6.60 -3.48 -12.06
C GLY A 329 6.61 -4.86 -12.69
N GLN A 330 5.45 -5.25 -13.23
CA GLN A 330 5.29 -6.60 -13.78
C GLN A 330 6.18 -6.74 -15.00
N LEU A 331 6.17 -5.73 -15.84
CA LEU A 331 7.04 -5.72 -16.98
C LEU A 331 8.53 -5.66 -16.59
N ILE A 332 8.84 -5.25 -15.35
CA ILE A 332 10.24 -5.23 -14.88
C ILE A 332 10.62 -6.62 -14.42
N TRP A 333 9.62 -7.40 -14.01
CA TRP A 333 9.83 -8.78 -13.57
C TRP A 333 10.27 -9.60 -14.74
N ARG A 334 9.55 -9.42 -15.83
CA ARG A 334 9.94 -10.03 -17.07
C ARG A 334 11.35 -9.61 -17.47
N GLU A 335 11.72 -8.35 -17.16
CA GLU A 335 13.02 -7.86 -17.54
C GLU A 335 14.01 -8.46 -16.60
N TYR A 336 13.53 -8.82 -15.42
CA TYR A 336 14.38 -9.23 -14.32
C TYR A 336 15.09 -10.54 -14.67
N PHE A 337 14.30 -11.50 -15.13
CA PHE A 337 14.79 -12.82 -15.49
C PHE A 337 15.52 -12.86 -16.84
N TYR A 338 14.86 -12.40 -17.92
CA TYR A 338 15.53 -12.23 -19.22
C TYR A 338 16.95 -11.75 -18.99
N THR A 339 17.09 -10.53 -18.48
CA THR A 339 18.38 -9.97 -18.12
C THR A 339 19.22 -10.94 -17.28
N MET A 340 18.67 -11.47 -16.18
CA MET A 340 19.46 -12.37 -15.34
C MET A 340 20.14 -13.46 -16.15
N SER A 341 19.46 -13.91 -17.22
CA SER A 341 19.89 -15.12 -17.96
C SER A 341 20.87 -14.93 -19.10
N VAL A 342 21.23 -13.69 -19.40
CA VAL A 342 21.95 -13.39 -20.63
C VAL A 342 23.27 -14.17 -20.87
N ASN A 343 24.12 -14.25 -19.85
CA ASN A 343 25.38 -14.99 -20.01
C ASN A 343 25.44 -16.38 -19.34
N ASN A 344 24.32 -16.87 -18.83
CA ASN A 344 24.28 -18.16 -18.18
C ASN A 344 23.46 -19.16 -19.00
N PRO A 345 24.13 -19.97 -19.83
CA PRO A 345 23.42 -20.92 -20.71
C PRO A 345 23.03 -22.21 -19.99
N ASN A 346 23.33 -22.29 -18.70
CA ASN A 346 22.88 -23.38 -17.87
C ASN A 346 21.68 -22.91 -17.09
N TYR A 347 21.23 -21.71 -17.43
CA TYR A 347 20.19 -21.06 -16.67
C TYR A 347 19.04 -22.01 -16.34
N ASP A 348 18.72 -22.91 -17.26
CA ASP A 348 17.60 -23.84 -17.04
C ASP A 348 17.89 -25.15 -16.28
N ARG A 349 19.17 -25.50 -16.14
CA ARG A 349 19.52 -26.74 -15.47
C ARG A 349 19.86 -26.39 -14.03
N MET A 350 20.23 -27.39 -13.22
CA MET A 350 20.66 -27.14 -11.83
C MET A 350 22.19 -27.02 -11.67
N GLU A 351 22.95 -28.08 -11.97
CA GLU A 351 24.41 -27.98 -11.94
C GLU A 351 24.94 -27.47 -13.27
N GLY A 352 26.12 -26.88 -13.24
CA GLY A 352 26.57 -26.07 -14.36
C GLY A 352 26.05 -24.65 -14.17
N ASN A 353 24.99 -24.54 -13.36
CA ASN A 353 24.33 -23.27 -13.07
C ASN A 353 24.71 -22.70 -11.70
N ASP A 354 25.45 -21.60 -11.72
CA ASP A 354 26.16 -21.07 -10.54
C ASP A 354 25.28 -20.19 -9.68
N ILE A 355 24.16 -19.74 -10.23
CA ILE A 355 23.20 -18.93 -9.50
C ILE A 355 21.98 -19.72 -8.97
N CYS A 356 21.88 -21.02 -9.28
CA CYS A 356 20.88 -21.88 -8.65
C CYS A 356 21.50 -22.75 -7.58
N LEU A 357 21.04 -22.54 -6.35
CA LEU A 357 21.40 -23.37 -5.22
C LEU A 357 21.33 -24.84 -5.62
N SER A 358 22.24 -25.64 -5.08
CA SER A 358 22.24 -27.09 -5.29
C SER A 358 21.43 -27.86 -4.23
N ILE A 359 20.12 -27.73 -4.31
CA ILE A 359 19.18 -28.43 -3.44
C ILE A 359 19.05 -29.87 -3.92
N PRO A 360 19.02 -30.83 -2.97
CA PRO A 360 19.06 -32.28 -3.22
C PRO A 360 17.68 -32.92 -3.30
N TRP A 361 17.05 -32.71 -4.44
CA TRP A 361 15.76 -33.27 -4.76
C TRP A 361 15.90 -34.76 -4.84
N ALA A 362 14.81 -35.46 -4.54
CA ALA A 362 14.84 -36.91 -4.57
C ALA A 362 14.85 -37.48 -6.00
N LYS A 363 14.75 -38.80 -6.08
CA LYS A 363 14.78 -39.56 -7.34
C LYS A 363 13.53 -39.29 -8.18
N PRO A 364 13.73 -38.94 -9.47
CA PRO A 364 12.63 -38.82 -10.42
C PRO A 364 11.66 -39.98 -10.23
N ASN A 365 10.38 -39.67 -10.05
CA ASN A 365 9.39 -40.69 -9.75
C ASN A 365 8.36 -40.79 -10.82
N GLU A 366 8.80 -41.13 -12.03
CA GLU A 366 7.95 -41.09 -13.21
C GLU A 366 6.45 -41.41 -13.00
N ASN A 367 6.10 -42.15 -11.95
CA ASN A 367 4.69 -42.33 -11.64
C ASN A 367 4.07 -41.16 -10.87
N LEU A 368 4.88 -40.44 -10.10
CA LEU A 368 4.49 -39.18 -9.46
C LEU A 368 4.37 -38.08 -10.50
N LEU A 369 5.49 -37.82 -11.16
CA LEU A 369 5.57 -36.86 -12.27
C LEU A 369 4.40 -37.03 -13.24
N GLN A 370 4.20 -38.23 -13.76
CA GLN A 370 3.10 -38.46 -14.68
C GLN A 370 1.78 -38.10 -13.99
N SER A 371 1.71 -38.24 -12.67
CA SER A 371 0.53 -37.76 -11.97
C SER A 371 0.43 -36.23 -11.97
N TRP A 372 1.55 -35.57 -11.70
CA TRP A 372 1.61 -34.11 -11.71
C TRP A 372 1.25 -33.50 -13.09
N ARG A 373 1.74 -34.11 -14.18
CA ARG A 373 1.45 -33.58 -15.52
C ARG A 373 -0.01 -33.82 -15.93
N LEU A 374 -0.53 -34.99 -15.60
CA LEU A 374 -1.90 -35.34 -15.96
C LEU A 374 -2.93 -34.68 -15.04
N GLY A 375 -2.50 -34.26 -13.85
CA GLY A 375 -3.41 -33.64 -12.90
C GLY A 375 -4.27 -34.67 -12.22
N GLN A 376 -3.64 -35.78 -11.84
CA GLN A 376 -4.30 -36.85 -11.09
C GLN A 376 -3.50 -37.04 -9.81
N THR A 377 -3.51 -36.01 -8.96
CA THR A 377 -2.77 -36.06 -7.71
C THR A 377 -3.71 -36.23 -6.51
N GLY A 378 -4.99 -35.91 -6.69
CA GLY A 378 -5.95 -36.03 -5.62
C GLY A 378 -6.16 -34.71 -4.89
N PHE A 379 -5.32 -33.73 -5.19
CA PHE A 379 -5.51 -32.41 -4.65
C PHE A 379 -6.19 -31.58 -5.73
N PRO A 380 -7.49 -31.36 -5.58
CA PRO A 380 -8.32 -30.80 -6.67
C PRO A 380 -7.74 -29.57 -7.37
N LEU A 381 -7.42 -28.54 -6.60
CA LEU A 381 -6.85 -27.33 -7.15
C LEU A 381 -5.63 -27.56 -8.02
N ILE A 382 -4.68 -28.37 -7.56
CA ILE A 382 -3.54 -28.72 -8.42
C ILE A 382 -4.03 -29.41 -9.68
N ASP A 383 -5.02 -30.28 -9.51
CA ASP A 383 -5.60 -31.04 -10.61
C ASP A 383 -6.47 -30.15 -11.51
N GLY A 384 -7.11 -29.17 -10.90
CA GLY A 384 -7.76 -28.14 -11.68
C GLY A 384 -6.71 -27.45 -12.50
N ALA A 385 -5.69 -26.94 -11.81
CA ALA A 385 -4.68 -26.09 -12.40
C ALA A 385 -3.81 -26.79 -13.44
N MET A 386 -3.59 -28.10 -13.26
CA MET A 386 -2.72 -28.85 -14.16
C MET A 386 -3.44 -29.22 -15.44
N ARG A 387 -4.76 -29.25 -15.33
CA ARG A 387 -5.61 -29.74 -16.40
C ARG A 387 -6.04 -28.60 -17.28
N GLN A 388 -6.21 -27.44 -16.67
CA GLN A 388 -6.41 -26.23 -17.44
C GLN A 388 -5.14 -25.97 -18.26
N LEU A 389 -3.98 -26.18 -17.64
CA LEU A 389 -2.74 -25.99 -18.35
C LEU A 389 -2.75 -26.77 -19.65
N LEU A 390 -3.03 -28.07 -19.58
CA LEU A 390 -2.97 -28.91 -20.77
C LEU A 390 -3.99 -28.46 -21.80
N ALA A 391 -5.23 -28.29 -21.33
CA ALA A 391 -6.37 -28.01 -22.20
C ALA A 391 -6.27 -26.64 -22.87
N GLU A 392 -5.82 -25.65 -22.11
CA GLU A 392 -5.75 -24.26 -22.57
C GLU A 392 -4.35 -23.69 -22.76
N GLY A 393 -3.39 -24.13 -21.96
CA GLY A 393 -2.01 -23.69 -22.08
C GLY A 393 -1.68 -22.43 -21.29
N TRP A 394 -2.61 -21.95 -20.47
CA TRP A 394 -2.36 -20.77 -19.63
C TRP A 394 -2.94 -20.86 -18.21
N LEU A 395 -2.22 -20.28 -17.25
CA LEU A 395 -2.54 -20.44 -15.84
C LEU A 395 -2.20 -19.20 -15.03
N HIS A 396 -3.19 -18.68 -14.30
CA HIS A 396 -2.99 -17.54 -13.37
C HIS A 396 -1.75 -17.67 -12.46
N HIS A 397 -1.09 -16.55 -12.20
CA HIS A 397 0.13 -16.49 -11.41
C HIS A 397 0.03 -17.28 -10.14
N THR A 398 -1.08 -17.15 -9.41
CA THR A 398 -1.23 -17.88 -8.15
C THR A 398 -1.24 -19.37 -8.37
N LEU A 399 -1.73 -19.80 -9.53
CA LEU A 399 -1.78 -21.24 -9.86
C LEU A 399 -0.44 -21.80 -10.36
N ARG A 400 0.33 -20.99 -11.08
CA ARG A 400 1.68 -21.38 -11.41
C ARG A 400 2.40 -21.71 -10.11
N ASN A 401 2.18 -20.90 -9.08
CA ASN A 401 2.69 -21.16 -7.74
C ASN A 401 2.29 -22.53 -7.20
N THR A 402 1.05 -22.64 -6.75
CA THR A 402 0.59 -23.84 -6.07
C THR A 402 1.04 -25.13 -6.78
N VAL A 403 0.98 -25.14 -8.10
CA VAL A 403 1.39 -26.35 -8.82
C VAL A 403 2.90 -26.54 -8.81
N ALA A 404 3.65 -25.46 -8.84
CA ALA A 404 5.11 -25.55 -8.79
C ALA A 404 5.62 -25.84 -7.38
N THR A 405 5.06 -25.21 -6.36
CA THR A 405 5.55 -25.50 -5.02
C THR A 405 5.00 -26.84 -4.59
N PHE A 406 4.05 -27.38 -5.33
CA PHE A 406 3.56 -28.68 -4.93
C PHE A 406 4.55 -29.72 -5.41
N LEU A 407 5.17 -29.43 -6.53
CA LEU A 407 6.02 -30.41 -7.18
C LEU A 407 7.35 -30.48 -6.48
N THR A 408 7.71 -29.40 -5.79
CA THR A 408 9.09 -29.16 -5.41
C THR A 408 9.09 -28.43 -4.11
N ARG A 409 9.67 -28.98 -3.06
CA ARG A 409 9.80 -28.24 -1.78
C ARG A 409 8.49 -28.01 -1.03
N GLY A 410 7.37 -28.10 -1.74
CA GLY A 410 6.09 -28.25 -1.07
C GLY A 410 5.90 -29.73 -0.80
N GLY A 411 6.91 -30.54 -1.18
CA GLY A 411 6.88 -32.01 -1.18
C GLY A 411 5.58 -32.41 -1.83
N LEU A 412 5.55 -33.11 -2.97
CA LEU A 412 6.57 -33.90 -3.69
C LEU A 412 8.11 -33.86 -3.50
N TRP A 413 8.69 -32.71 -3.25
CA TRP A 413 10.15 -32.65 -3.17
C TRP A 413 10.92 -33.19 -4.41
N GLN A 414 10.26 -33.22 -5.57
CA GLN A 414 10.91 -33.55 -6.85
C GLN A 414 11.55 -32.31 -7.51
N SER A 415 12.66 -32.47 -8.24
CA SER A 415 13.42 -31.32 -8.77
C SER A 415 12.61 -30.41 -9.70
N TRP A 416 13.05 -29.17 -9.85
CA TRP A 416 12.34 -28.24 -10.73
C TRP A 416 12.57 -28.44 -12.24
N GLU A 417 13.65 -29.08 -12.68
CA GLU A 417 13.85 -29.18 -14.13
C GLU A 417 12.71 -29.98 -14.79
N HIS A 418 11.76 -30.43 -13.98
CA HIS A 418 10.67 -31.33 -14.43
C HIS A 418 9.36 -30.58 -14.64
N GLY A 419 9.08 -29.63 -13.77
CA GLY A 419 7.97 -28.72 -13.98
C GLY A 419 8.40 -27.71 -15.03
N LEU A 420 9.71 -27.65 -15.32
CA LEU A 420 10.18 -26.66 -16.27
C LEU A 420 10.05 -27.13 -17.69
N GLN A 421 10.43 -28.38 -17.94
CA GLN A 421 10.35 -28.89 -19.30
C GLN A 421 8.90 -29.17 -19.66
N HIS A 422 8.08 -29.41 -18.64
CA HIS A 422 6.65 -29.58 -18.82
C HIS A 422 6.03 -28.24 -19.19
N PHE A 423 6.15 -27.25 -18.31
CA PHE A 423 5.61 -25.92 -18.59
C PHE A 423 6.10 -25.41 -19.96
N LEU A 424 7.39 -25.55 -20.22
CA LEU A 424 7.98 -25.05 -21.43
C LEU A 424 7.28 -25.63 -22.66
N LYS A 425 6.74 -26.82 -22.53
CA LYS A 425 5.99 -27.38 -23.64
C LYS A 425 4.57 -26.85 -23.75
N TYR A 426 3.80 -26.92 -22.67
CA TYR A 426 2.35 -26.71 -22.79
C TYR A 426 1.82 -25.32 -22.44
N LEU A 427 2.71 -24.35 -22.21
CA LEU A 427 2.33 -22.97 -21.94
C LEU A 427 2.24 -22.14 -23.24
N LEU A 428 1.41 -21.10 -23.23
CA LEU A 428 1.29 -20.20 -24.39
C LEU A 428 2.40 -19.14 -24.40
N ASP A 429 2.86 -18.72 -23.21
CA ASP A 429 3.99 -17.81 -23.11
C ASP A 429 5.26 -18.61 -22.98
N ALA A 430 5.46 -19.24 -21.84
CA ALA A 430 6.65 -20.06 -21.68
C ALA A 430 7.83 -19.42 -22.39
N ASP A 431 8.33 -18.31 -21.84
CA ASP A 431 9.60 -17.73 -22.25
C ASP A 431 10.67 -18.46 -21.49
N TRP A 432 11.63 -18.99 -22.21
CA TRP A 432 12.75 -19.68 -21.62
C TRP A 432 13.32 -19.08 -20.31
N SER A 433 13.87 -17.87 -20.36
CA SER A 433 14.44 -17.26 -19.16
C SER A 433 13.38 -17.10 -18.09
N VAL A 434 12.26 -16.50 -18.46
CA VAL A 434 11.20 -16.24 -17.51
C VAL A 434 10.73 -17.53 -16.80
N CYS A 435 10.38 -18.55 -17.59
CA CYS A 435 9.85 -19.81 -17.06
C CYS A 435 10.77 -20.43 -16.04
N ALA A 436 12.02 -20.63 -16.41
CA ALA A 436 13.02 -21.15 -15.48
C ALA A 436 13.21 -20.19 -14.28
N GLY A 437 13.21 -18.89 -14.58
CA GLY A 437 13.41 -17.88 -13.55
C GLY A 437 12.46 -18.02 -12.39
N ASN A 438 11.17 -17.90 -12.69
CA ASN A 438 10.13 -18.11 -11.71
C ASN A 438 10.28 -19.48 -11.04
N TRP A 439 10.48 -20.52 -11.86
CA TRP A 439 10.69 -21.86 -11.31
C TRP A 439 11.85 -21.90 -10.28
N MET A 440 13.00 -21.32 -10.63
CA MET A 440 14.15 -21.36 -9.72
C MET A 440 13.91 -20.57 -8.45
N TRP A 441 13.68 -19.27 -8.64
CA TRP A 441 13.20 -18.37 -7.60
C TRP A 441 12.22 -19.07 -6.63
N VAL A 442 11.07 -19.51 -7.14
CA VAL A 442 9.98 -20.07 -6.32
C VAL A 442 10.34 -21.32 -5.53
N SER A 443 11.06 -22.26 -6.15
CA SER A 443 11.37 -23.55 -5.52
C SER A 443 12.75 -23.71 -4.86
N SER A 444 13.77 -23.00 -5.36
CA SER A 444 15.14 -23.21 -4.87
C SER A 444 15.74 -22.12 -3.97
N SER A 445 14.89 -21.25 -3.41
CA SER A 445 15.31 -20.25 -2.43
C SER A 445 15.13 -20.83 -1.04
N ALA A 446 16.16 -21.46 -0.49
CA ALA A 446 16.03 -22.15 0.79
C ALA A 446 16.06 -21.19 1.95
N PHE A 447 16.48 -19.95 1.71
CA PHE A 447 16.63 -18.99 2.81
C PHE A 447 15.33 -18.23 3.15
N GLU A 448 14.48 -17.97 2.16
CA GLU A 448 13.18 -17.38 2.46
C GLU A 448 12.26 -18.39 3.16
N ARG A 449 12.23 -18.36 4.50
CA ARG A 449 11.49 -19.38 5.24
C ARG A 449 9.95 -19.30 5.09
N LEU A 450 9.44 -18.14 4.70
CA LEU A 450 7.99 -17.98 4.53
C LEU A 450 7.47 -18.92 3.44
N LEU A 451 8.35 -19.25 2.48
CA LEU A 451 7.96 -20.09 1.36
C LEU A 451 7.74 -21.53 1.79
N ASP A 452 8.32 -21.91 2.91
CA ASP A 452 8.15 -23.27 3.36
C ASP A 452 6.99 -23.38 4.33
N SER A 453 6.24 -22.30 4.48
CA SER A 453 5.08 -22.30 5.35
C SER A 453 3.88 -22.74 4.57
N SER A 454 3.26 -23.84 5.02
CA SER A 454 2.13 -24.48 4.37
C SER A 454 0.95 -23.51 4.30
N LEU A 455 1.12 -22.38 4.95
CA LEU A 455 0.17 -21.29 4.83
C LEU A 455 0.29 -20.63 3.45
N VAL A 456 1.39 -20.87 2.75
CA VAL A 456 1.49 -20.42 1.37
C VAL A 456 1.58 -21.62 0.43
N THR A 457 1.80 -22.79 1.01
CA THR A 457 1.95 -24.02 0.23
C THR A 457 0.65 -24.76 -0.02
N CYS A 458 0.03 -25.24 1.06
CA CYS A 458 -1.18 -26.07 1.01
C CYS A 458 -2.31 -25.61 0.07
N PRO A 459 -2.60 -26.43 -0.95
CA PRO A 459 -3.66 -26.28 -1.96
C PRO A 459 -5.01 -26.88 -1.55
N VAL A 460 -5.35 -26.74 -0.28
CA VAL A 460 -6.74 -26.77 0.14
C VAL A 460 -7.08 -25.41 0.71
N ALA A 461 -6.43 -25.03 1.80
CA ALA A 461 -6.72 -23.77 2.47
C ALA A 461 -6.59 -22.57 1.54
N LEU A 462 -6.27 -22.84 0.29
CA LEU A 462 -6.02 -21.82 -0.72
C LEU A 462 -6.98 -21.95 -1.89
N ALA A 463 -7.34 -23.19 -2.22
CA ALA A 463 -8.44 -23.45 -3.13
C ALA A 463 -9.74 -23.01 -2.43
N LYS A 464 -9.86 -23.34 -1.16
CA LYS A 464 -10.96 -22.85 -0.35
C LYS A 464 -11.08 -21.33 -0.43
N ARG A 465 -9.97 -20.66 -0.74
CA ARG A 465 -9.97 -19.21 -0.82
C ARG A 465 -10.14 -18.68 -2.24
N LEU A 466 -9.38 -19.24 -3.18
CA LEU A 466 -9.31 -18.69 -4.52
C LEU A 466 -10.55 -18.98 -5.37
N ASP A 467 -11.38 -19.90 -4.89
CA ASP A 467 -12.43 -20.48 -5.70
C ASP A 467 -13.31 -21.22 -4.74
N PRO A 468 -14.06 -20.46 -3.92
CA PRO A 468 -14.73 -20.95 -2.72
C PRO A 468 -15.82 -21.92 -3.11
N ASP A 469 -16.60 -21.61 -4.14
CA ASP A 469 -17.73 -22.46 -4.46
C ASP A 469 -17.32 -23.65 -5.32
N GLY A 470 -16.02 -23.86 -5.48
CA GLY A 470 -15.53 -24.98 -6.26
C GLY A 470 -15.89 -24.82 -7.73
N THR A 471 -16.29 -23.62 -8.11
CA THR A 471 -16.62 -23.26 -9.49
C THR A 471 -15.51 -23.52 -10.50
N TYR A 472 -14.29 -23.17 -10.14
CA TYR A 472 -13.12 -23.49 -10.96
C TYR A 472 -12.86 -25.00 -10.91
N ILE A 473 -12.53 -25.51 -9.74
CA ILE A 473 -12.29 -26.94 -9.61
C ILE A 473 -13.26 -27.74 -10.46
N LYS A 474 -14.55 -27.44 -10.34
CA LYS A 474 -15.56 -28.18 -11.11
C LYS A 474 -15.49 -27.89 -12.63
N GLN A 475 -15.02 -26.72 -13.03
CA GLN A 475 -14.81 -26.46 -14.45
C GLN A 475 -13.77 -27.43 -14.99
N TYR A 476 -12.74 -27.67 -14.19
CA TYR A 476 -11.51 -28.28 -14.69
C TYR A 476 -11.19 -29.67 -14.16
N VAL A 477 -11.98 -30.16 -13.22
CA VAL A 477 -11.82 -31.53 -12.78
C VAL A 477 -13.20 -32.18 -12.71
N PRO A 478 -13.70 -32.66 -13.86
CA PRO A 478 -15.14 -32.87 -13.97
C PRO A 478 -15.60 -34.12 -13.21
N GLU A 479 -14.69 -35.07 -12.97
CA GLU A 479 -15.06 -36.24 -12.17
C GLU A 479 -15.70 -35.77 -10.87
N LEU A 480 -15.70 -34.46 -10.69
CA LEU A 480 -16.10 -33.83 -9.44
C LEU A 480 -17.31 -32.90 -9.55
N MET A 481 -18.13 -33.05 -10.57
CA MET A 481 -19.31 -32.18 -10.72
C MET A 481 -20.22 -32.29 -9.51
N ASN A 482 -20.62 -33.51 -9.19
CA ASN A 482 -21.70 -33.75 -8.24
C ASN A 482 -21.34 -33.58 -6.78
N VAL A 483 -20.04 -33.44 -6.49
CA VAL A 483 -19.65 -33.22 -5.11
C VAL A 483 -20.13 -31.84 -4.67
N PRO A 484 -20.97 -31.80 -3.64
CA PRO A 484 -21.45 -30.54 -3.05
C PRO A 484 -20.30 -29.65 -2.55
N LYS A 485 -20.56 -28.34 -2.44
CA LYS A 485 -19.57 -27.36 -1.96
C LYS A 485 -19.00 -27.65 -0.56
N GLU A 486 -19.64 -28.53 0.22
CA GLU A 486 -19.07 -28.91 1.52
C GLU A 486 -17.83 -29.78 1.31
N PHE A 487 -17.84 -30.58 0.27
CA PHE A 487 -16.83 -31.60 0.12
C PHE A 487 -15.82 -31.34 -0.99
N VAL A 488 -16.22 -30.55 -1.97
CA VAL A 488 -15.46 -30.47 -3.19
C VAL A 488 -13.97 -30.08 -3.02
N HIS A 489 -13.63 -29.33 -1.99
CA HIS A 489 -12.23 -28.96 -1.78
C HIS A 489 -11.44 -30.12 -1.26
N GLU A 490 -12.09 -30.90 -0.38
CA GLU A 490 -11.53 -32.11 0.22
C GLU A 490 -12.56 -33.24 0.19
N PRO A 491 -12.61 -34.01 -0.91
CA PRO A 491 -13.63 -35.05 -1.11
C PRO A 491 -13.34 -36.39 -0.41
N TRP A 492 -12.18 -36.51 0.24
CA TRP A 492 -11.82 -37.71 0.98
C TRP A 492 -12.51 -37.67 2.33
N ARG A 493 -13.14 -36.53 2.61
CA ARG A 493 -14.00 -36.41 3.78
C ARG A 493 -15.31 -37.14 3.55
N MET A 494 -15.61 -37.42 2.29
CA MET A 494 -16.91 -38.00 1.94
C MET A 494 -17.08 -39.40 2.48
N SER A 495 -18.25 -39.64 3.08
CA SER A 495 -18.63 -40.97 3.52
C SER A 495 -18.81 -41.87 2.30
N ALA A 496 -18.68 -43.17 2.54
CA ALA A 496 -18.85 -44.16 1.48
C ALA A 496 -20.20 -43.99 0.79
N GLU A 497 -21.25 -43.83 1.59
CA GLU A 497 -22.60 -43.58 1.10
C GLU A 497 -22.66 -42.28 0.29
N GLN A 498 -21.96 -41.27 0.78
CA GLN A 498 -21.87 -40.00 0.08
C GLN A 498 -21.11 -40.13 -1.24
N GLN A 499 -19.99 -40.84 -1.21
CA GLN A 499 -19.24 -41.10 -2.44
C GLN A 499 -20.09 -41.89 -3.44
N GLU A 500 -20.96 -42.76 -2.92
CA GLU A 500 -21.92 -43.46 -3.77
C GLU A 500 -22.86 -42.43 -4.36
N GLN A 501 -23.46 -41.65 -3.47
CA GLN A 501 -24.52 -40.70 -3.81
C GLN A 501 -24.08 -39.58 -4.78
N TYR A 502 -22.78 -39.31 -4.84
CA TYR A 502 -22.27 -38.21 -5.64
C TYR A 502 -21.37 -38.64 -6.80
N GLU A 503 -21.39 -39.92 -7.12
CA GLU A 503 -20.68 -40.46 -8.28
C GLU A 503 -19.15 -40.45 -8.18
N CYS A 504 -18.61 -39.82 -7.14
CA CYS A 504 -17.16 -39.82 -6.99
C CYS A 504 -16.68 -40.79 -5.91
N LEU A 505 -16.15 -41.93 -6.35
CA LEU A 505 -15.56 -42.89 -5.42
C LEU A 505 -14.05 -42.74 -5.41
N ILE A 506 -13.52 -42.29 -4.29
CA ILE A 506 -12.10 -42.04 -4.24
C ILE A 506 -11.38 -43.34 -4.53
N GLY A 507 -10.32 -43.26 -5.32
CA GLY A 507 -9.60 -44.43 -5.78
C GLY A 507 -10.13 -44.91 -7.12
N VAL A 508 -11.36 -44.52 -7.45
CA VAL A 508 -12.01 -45.00 -8.66
C VAL A 508 -12.13 -43.90 -9.71
N HIS A 509 -13.06 -42.98 -9.43
CA HIS A 509 -13.35 -41.88 -10.32
C HIS A 509 -12.27 -40.82 -10.19
N TYR A 510 -12.03 -40.40 -8.96
CA TYR A 510 -10.99 -39.43 -8.64
C TYR A 510 -9.86 -40.06 -7.82
N PRO A 511 -8.60 -39.84 -8.24
CA PRO A 511 -7.45 -40.56 -7.67
C PRO A 511 -7.20 -40.18 -6.22
N GLU A 512 -7.10 -41.16 -5.34
CA GLU A 512 -6.78 -40.86 -3.95
C GLU A 512 -5.49 -40.07 -3.93
N ARG A 513 -5.38 -39.18 -2.95
CA ARG A 513 -4.16 -38.38 -2.80
C ARG A 513 -2.94 -39.24 -3.05
N ILE A 514 -2.02 -38.71 -3.85
CA ILE A 514 -0.78 -39.38 -4.23
C ILE A 514 0.29 -39.22 -3.16
N ILE A 515 -0.03 -38.44 -2.13
CA ILE A 515 0.91 -38.18 -1.06
C ILE A 515 0.24 -37.66 0.23
N ASP A 516 0.98 -37.70 1.33
CA ASP A 516 0.48 -37.19 2.59
C ASP A 516 1.23 -35.92 2.88
N LEU A 517 0.56 -34.78 2.68
CA LEU A 517 1.21 -33.49 2.81
C LEU A 517 1.79 -33.28 4.19
N SER A 518 0.94 -33.37 5.20
CA SER A 518 1.40 -33.29 6.58
C SER A 518 2.80 -33.87 6.65
N MET A 519 2.93 -35.13 6.22
CA MET A 519 4.19 -35.87 6.33
C MET A 519 5.29 -35.32 5.42
N ALA A 520 4.91 -34.92 4.21
CA ALA A 520 5.87 -34.36 3.25
C ALA A 520 6.26 -32.92 3.58
N VAL A 521 5.26 -32.10 3.86
CA VAL A 521 5.50 -30.73 4.31
C VAL A 521 6.61 -30.65 5.36
N LYS A 522 6.45 -31.41 6.45
CA LYS A 522 7.48 -31.52 7.49
C LYS A 522 8.74 -32.19 6.95
N ARG A 523 8.57 -33.31 6.27
CA ARG A 523 9.70 -33.99 5.65
C ARG A 523 10.61 -33.01 4.93
N ASN A 524 10.01 -32.12 4.15
CA ASN A 524 10.80 -31.22 3.33
C ASN A 524 11.36 -30.04 4.09
N MET A 525 10.54 -29.41 4.94
CA MET A 525 11.04 -28.35 5.79
C MET A 525 12.34 -28.79 6.43
N LEU A 526 12.24 -29.81 7.28
CA LEU A 526 13.41 -30.39 7.94
C LEU A 526 14.55 -30.59 6.96
N ALA A 527 14.22 -31.03 5.75
CA ALA A 527 15.22 -31.26 4.71
C ALA A 527 15.89 -29.96 4.25
N MET A 528 15.07 -28.90 4.20
CA MET A 528 15.49 -27.59 3.75
C MET A 528 16.30 -26.89 4.85
N LYS A 529 15.78 -26.93 6.07
CA LYS A 529 16.54 -26.51 7.23
C LYS A 529 17.94 -27.08 7.15
N SER A 530 18.00 -28.40 7.03
CA SER A 530 19.26 -29.13 6.98
C SER A 530 20.22 -28.41 6.10
N LEU A 531 19.90 -28.36 4.82
CA LEU A 531 20.77 -27.75 3.81
C LEU A 531 21.12 -26.29 4.15
N ARG A 532 20.13 -25.59 4.72
CA ARG A 532 20.17 -24.14 4.89
C ARG A 532 21.32 -23.75 5.77
N ASN A 533 21.68 -24.67 6.66
CA ASN A 533 22.72 -24.41 7.62
C ASN A 533 24.06 -25.04 7.19
N SER A 534 23.99 -26.26 6.63
CA SER A 534 25.17 -26.94 6.07
C SER A 534 25.95 -25.99 5.17
N LEU A 535 25.37 -24.83 4.91
CA LEU A 535 26.14 -23.67 4.53
C LEU A 535 25.52 -22.51 5.26
N ILE A 536 26.25 -21.94 6.21
CA ILE A 536 25.70 -20.90 7.06
C ILE A 536 25.52 -19.57 6.29
N THR A 537 26.54 -19.18 5.51
CA THR A 537 26.41 -18.06 4.59
C THR A 537 25.92 -18.55 3.23
N PRO A 538 24.67 -18.21 2.87
CA PRO A 538 24.21 -18.59 1.55
C PRO A 538 25.24 -18.24 0.50
N PRO A 539 25.24 -18.99 -0.60
CA PRO A 539 25.95 -18.53 -1.80
C PRO A 539 25.08 -17.47 -2.49
N PRO A 540 25.68 -16.70 -3.39
CA PRO A 540 24.82 -15.78 -4.16
C PRO A 540 23.96 -16.57 -5.15
N HIS A 541 22.64 -16.51 -4.97
CA HIS A 541 21.72 -17.16 -5.88
C HIS A 541 20.62 -16.20 -6.30
N CYS A 542 19.70 -16.67 -7.14
CA CYS A 542 18.50 -15.91 -7.54
C CYS A 542 17.43 -16.09 -6.48
N ARG A 543 16.95 -14.97 -5.94
CA ARG A 543 16.23 -15.02 -4.68
C ARG A 543 15.18 -13.96 -4.54
N PRO A 544 14.12 -14.28 -3.81
CA PRO A 544 13.28 -13.24 -3.23
C PRO A 544 14.17 -12.15 -2.61
N SER A 545 13.76 -10.89 -2.64
CA SER A 545 14.62 -9.84 -2.10
C SER A 545 14.39 -9.70 -0.61
N ASN A 546 13.18 -10.05 -0.18
CA ASN A 546 12.83 -9.99 1.23
C ASN A 546 11.43 -10.54 1.39
N GLU A 547 11.02 -10.78 2.64
CA GLU A 547 9.75 -11.45 2.94
C GLU A 547 8.58 -10.71 2.35
N GLU A 548 8.66 -9.39 2.38
CA GLU A 548 7.61 -8.53 1.80
C GLU A 548 7.40 -8.85 0.32
N GLU A 549 8.47 -8.76 -0.44
CA GLU A 549 8.51 -9.19 -1.83
C GLU A 549 8.03 -10.62 -2.04
N VAL A 550 7.99 -11.44 -1.00
CA VAL A 550 7.38 -12.75 -1.15
C VAL A 550 5.87 -12.60 -1.06
N ARG A 551 5.38 -11.87 -0.05
CA ARG A 551 3.96 -11.65 0.14
C ARG A 551 3.31 -11.13 -1.15
N GLN A 552 3.91 -10.13 -1.78
CA GLN A 552 3.37 -9.54 -3.01
C GLN A 552 3.46 -10.51 -4.18
N PHE A 553 4.59 -11.20 -4.30
CA PHE A 553 4.81 -12.14 -5.39
C PHE A 553 3.87 -13.30 -5.32
N PHE A 554 3.11 -13.38 -4.22
CA PHE A 554 2.16 -14.46 -4.01
C PHE A 554 0.74 -14.01 -3.76
N TRP A 555 0.52 -12.73 -3.50
CA TRP A 555 -0.85 -12.32 -3.22
C TRP A 555 -1.32 -12.89 -1.87
N LEU A 556 -0.88 -12.29 -0.77
CA LEU A 556 -1.06 -12.83 0.58
C LEU A 556 -1.57 -11.80 1.61
N SER B 14 16.14 47.54 42.60
CA SER B 14 17.56 47.26 42.42
C SER B 14 18.35 48.54 42.11
N SER B 15 17.77 49.41 41.29
CA SER B 15 18.33 50.73 40.93
C SER B 15 17.34 51.47 40.03
N LEU B 16 17.84 52.32 39.15
CA LEU B 16 17.01 52.88 38.08
C LEU B 16 16.68 51.78 37.06
N VAL B 17 15.66 51.02 37.41
CA VAL B 17 15.01 50.08 36.53
C VAL B 17 13.92 50.88 35.83
N ALA B 18 13.72 52.09 36.35
CA ALA B 18 12.69 53.02 35.87
C ALA B 18 12.78 53.24 34.38
N ALA B 19 14.00 53.30 33.88
CA ALA B 19 14.29 53.50 32.47
C ALA B 19 13.66 52.39 31.62
N MET B 20 13.92 51.14 31.99
CA MET B 20 13.50 49.98 31.20
C MET B 20 11.99 49.82 31.07
N ALA B 21 11.26 50.12 32.15
CA ALA B 21 9.80 50.23 32.06
C ALA B 21 9.38 50.93 30.77
N THR B 22 9.75 52.20 30.63
CA THR B 22 9.45 52.97 29.43
C THR B 22 10.24 52.49 28.20
N ARG B 23 11.41 51.89 28.45
CA ARG B 23 12.29 51.44 27.37
C ARG B 23 11.69 50.33 26.49
N GLY B 24 10.75 49.55 27.04
CA GLY B 24 9.99 48.61 26.25
C GLY B 24 10.10 47.15 26.65
N ALA B 25 9.15 46.34 26.18
CA ALA B 25 9.09 44.89 26.44
C ALA B 25 8.19 44.20 25.43
N ASN B 26 8.48 42.93 25.12
CA ASN B 26 7.63 42.14 24.24
C ASN B 26 7.03 40.94 24.94
N VAL B 27 5.73 40.77 24.83
CA VAL B 27 5.11 39.58 25.40
C VAL B 27 5.05 38.44 24.37
N ILE B 28 5.28 37.22 24.83
CA ILE B 28 5.11 36.06 23.96
C ILE B 28 4.06 35.16 24.64
N TRP B 29 2.84 35.21 24.13
CA TRP B 29 1.72 34.69 24.89
C TRP B 29 1.33 33.29 24.43
N PHE B 30 1.48 32.36 25.38
CA PHE B 30 1.37 30.90 25.22
C PHE B 30 0.01 30.41 25.62
N ARG B 31 -0.49 29.43 24.87
CA ARG B 31 -1.84 28.93 25.02
C ARG B 31 -1.92 27.53 24.42
N HIS B 32 -1.55 27.41 23.16
CA HIS B 32 -1.12 26.16 22.59
C HIS B 32 0.37 26.39 22.34
N GLY B 33 0.90 26.02 21.18
CA GLY B 33 2.31 26.20 20.81
C GLY B 33 3.36 26.28 21.91
N LEU B 34 3.29 25.33 22.84
CA LEU B 34 4.10 25.34 24.06
C LEU B 34 5.52 24.87 23.77
N ARG B 35 6.30 25.72 23.12
CA ARG B 35 7.61 25.29 22.65
C ARG B 35 8.44 26.45 22.10
N LEU B 36 9.75 26.25 22.18
CA LEU B 36 10.72 27.28 21.88
C LEU B 36 11.32 27.07 20.50
N HIS B 37 10.78 26.11 19.73
CA HIS B 37 11.25 25.84 18.39
C HIS B 37 10.11 25.90 17.37
N ASP B 38 10.42 26.40 16.17
CA ASP B 38 9.39 26.57 15.17
C ASP B 38 8.25 27.22 15.94
N ASN B 39 8.60 28.27 16.68
CA ASN B 39 7.63 29.15 17.35
C ASN B 39 8.13 30.50 16.97
N PRO B 40 7.74 30.94 15.78
CA PRO B 40 8.02 32.22 15.10
C PRO B 40 7.43 33.43 15.84
N ALA B 41 6.23 33.24 16.41
CA ALA B 41 5.63 34.21 17.32
C ALA B 41 6.54 34.52 18.51
N LEU B 42 7.29 33.52 18.99
CA LEU B 42 8.41 33.75 19.92
C LEU B 42 9.56 34.53 19.26
N LEU B 43 10.10 34.00 18.17
CA LEU B 43 11.18 34.70 17.49
C LEU B 43 10.74 36.15 17.29
N ALA B 44 9.46 36.34 16.96
CA ALA B 44 8.93 37.70 16.78
C ALA B 44 9.23 38.66 17.95
N ALA B 45 8.81 38.26 19.15
CA ALA B 45 9.10 39.04 20.35
C ALA B 45 10.59 39.35 20.44
N LEU B 46 11.43 38.35 20.18
CA LEU B 46 12.89 38.48 20.30
C LEU B 46 13.53 39.39 19.23
N ALA B 47 12.73 39.70 18.21
CA ALA B 47 13.17 40.50 17.06
C ALA B 47 13.65 41.89 17.44
N ASP B 48 13.53 42.22 18.73
CA ASP B 48 13.90 43.54 19.26
C ASP B 48 14.96 43.44 20.33
N LYS B 49 15.81 42.43 20.24
CA LYS B 49 16.82 42.24 21.27
C LYS B 49 17.80 43.41 21.28
N ASP B 50 18.00 43.99 20.10
CA ASP B 50 18.88 45.14 19.94
C ASP B 50 18.26 46.41 20.54
N GLN B 51 16.98 46.64 20.27
CA GLN B 51 16.24 47.76 20.84
C GLN B 51 16.28 47.79 22.37
N GLY B 52 16.81 46.72 22.97
CA GLY B 52 16.85 46.61 24.41
C GLY B 52 15.52 46.14 24.96
N ILE B 53 14.60 45.82 24.06
CA ILE B 53 13.32 45.24 24.45
C ILE B 53 13.52 43.87 25.09
N ALA B 54 12.91 43.69 26.25
CA ALA B 54 13.08 42.44 26.96
C ALA B 54 11.89 41.59 26.58
N LEU B 55 11.99 40.29 26.85
CA LEU B 55 10.88 39.38 26.62
C LEU B 55 10.01 39.21 27.87
N ILE B 56 8.71 39.06 27.68
CA ILE B 56 7.88 38.57 28.77
C ILE B 56 7.10 37.33 28.34
N PRO B 57 7.56 36.16 28.76
CA PRO B 57 6.81 34.94 28.45
C PRO B 57 5.65 34.74 29.45
N VAL B 58 4.45 34.81 28.90
CA VAL B 58 3.25 34.78 29.71
C VAL B 58 2.41 33.58 29.34
N PHE B 59 1.85 32.91 30.32
CA PHE B 59 0.74 32.02 30.07
C PHE B 59 -0.40 32.39 30.98
N ILE B 60 -1.64 32.20 30.56
CA ILE B 60 -2.73 32.65 31.41
C ILE B 60 -3.89 31.66 31.55
N PHE B 61 -4.32 31.39 32.76
CA PHE B 61 -5.49 30.53 32.90
C PHE B 61 -6.80 31.31 32.76
N ASP B 62 -7.24 31.36 31.51
CA ASP B 62 -8.46 31.97 31.05
C ASP B 62 -9.72 31.54 31.76
N GLY B 63 -9.81 30.24 32.03
CA GLY B 63 -11.09 29.58 32.18
C GLY B 63 -11.25 28.65 30.99
N GLU B 64 -10.86 29.11 29.80
CA GLU B 64 -10.69 28.23 28.66
C GLU B 64 -9.20 28.25 28.29
N SER B 65 -8.88 28.06 27.01
CA SER B 65 -7.53 28.31 26.54
C SER B 65 -6.58 27.22 26.98
N ALA B 66 -5.99 26.50 26.04
CA ALA B 66 -5.24 25.29 26.37
C ALA B 66 -6.24 24.22 26.78
N GLY B 67 -7.41 24.27 26.16
CA GLY B 67 -8.48 23.35 26.48
C GLY B 67 -8.53 23.09 27.98
N THR B 68 -9.07 24.05 28.70
CA THR B 68 -9.17 23.94 30.16
C THR B 68 -10.60 24.17 30.65
N LYS B 69 -11.49 24.50 29.72
CA LYS B 69 -12.87 24.74 30.05
C LYS B 69 -13.49 23.45 30.56
N ASN B 70 -13.22 22.37 29.83
CA ASN B 70 -13.85 21.09 30.06
C ASN B 70 -12.77 20.05 30.20
N VAL B 71 -12.00 20.17 31.28
CA VAL B 71 -10.84 19.32 31.45
C VAL B 71 -10.99 18.31 32.60
N GLY B 72 -10.14 17.31 32.63
CA GLY B 72 -10.07 16.37 33.72
C GLY B 72 -8.65 16.37 34.26
N TYR B 73 -8.38 15.47 35.21
CA TYR B 73 -7.10 15.52 35.90
C TYR B 73 -5.94 15.22 34.95
N ASN B 74 -6.09 14.18 34.15
CA ASN B 74 -5.03 13.70 33.27
C ASN B 74 -4.50 14.73 32.29
N ARG B 75 -5.37 15.36 31.50
CA ARG B 75 -4.90 16.38 30.54
C ARG B 75 -4.39 17.61 31.26
N MET B 76 -5.10 18.00 32.32
CA MET B 76 -4.75 19.16 33.11
C MET B 76 -3.33 19.02 33.61
N ARG B 77 -3.01 17.85 34.15
CA ARG B 77 -1.66 17.60 34.62
C ARG B 77 -0.69 17.70 33.45
N PHE B 78 -1.06 17.09 32.33
CA PHE B 78 -0.24 17.15 31.13
C PHE B 78 0.13 18.60 30.80
N LEU B 79 -0.90 19.45 30.75
CA LEU B 79 -0.71 20.85 30.43
C LEU B 79 0.26 21.58 31.38
N LEU B 80 0.32 21.13 32.63
CA LEU B 80 1.18 21.71 33.63
C LEU B 80 2.64 21.21 33.50
N ASP B 81 2.87 19.92 33.42
CA ASP B 81 4.27 19.53 33.33
C ASP B 81 4.70 20.05 32.00
N SER B 82 3.71 20.26 31.14
CA SER B 82 3.98 20.82 29.83
C SER B 82 4.46 22.26 29.94
N LEU B 83 4.02 22.96 30.98
CA LEU B 83 4.44 24.33 31.29
C LEU B 83 5.67 24.37 32.15
N GLN B 84 5.77 23.42 33.09
CA GLN B 84 6.96 23.31 33.91
C GLN B 84 8.14 23.21 32.97
N ASP B 85 7.92 22.45 31.90
CA ASP B 85 8.93 22.31 30.87
C ASP B 85 9.42 23.67 30.38
N ILE B 86 8.62 24.36 29.61
CA ILE B 86 9.04 25.64 29.11
C ILE B 86 9.68 26.58 30.14
N ASP B 87 9.25 26.49 31.41
CA ASP B 87 9.70 27.41 32.45
C ASP B 87 11.16 27.15 32.72
N ASP B 88 11.44 25.88 32.97
CA ASP B 88 12.80 25.44 33.14
C ASP B 88 13.50 25.76 31.84
N GLN B 89 13.05 25.18 30.74
CA GLN B 89 13.54 25.52 29.42
C GLN B 89 14.16 26.93 29.29
N LEU B 90 13.52 27.90 29.94
CA LEU B 90 13.96 29.28 29.84
C LEU B 90 15.13 29.55 30.77
N GLN B 91 14.89 29.43 32.08
CA GLN B 91 15.94 29.62 33.07
C GLN B 91 17.19 28.87 32.63
N ALA B 92 16.95 27.72 32.01
CA ALA B 92 18.02 26.86 31.59
C ALA B 92 18.98 27.66 30.74
N ALA B 93 18.45 28.37 29.76
CA ALA B 93 19.23 29.10 28.77
C ALA B 93 19.58 30.52 29.20
N THR B 94 19.18 30.88 30.42
CA THR B 94 19.38 32.26 30.88
C THR B 94 19.85 32.35 32.34
N ASP B 95 20.54 31.33 32.82
CA ASP B 95 21.04 31.31 34.19
C ASP B 95 20.03 31.81 35.22
N GLY B 96 18.78 31.39 35.11
CA GLY B 96 17.74 31.84 36.02
C GLY B 96 17.21 33.25 35.76
N ARG B 97 17.90 33.99 34.89
CA ARG B 97 17.49 35.34 34.51
C ARG B 97 16.01 35.45 34.13
N GLY B 98 15.65 34.86 32.99
CA GLY B 98 14.28 34.86 32.51
C GLY B 98 13.43 33.72 33.04
N ARG B 99 12.14 33.95 33.12
CA ARG B 99 11.25 32.92 33.64
C ARG B 99 9.88 33.04 32.98
N LEU B 100 9.12 31.95 32.94
CA LEU B 100 7.75 32.03 32.41
C LEU B 100 6.75 32.51 33.49
N LEU B 101 5.79 33.36 33.13
CA LEU B 101 4.84 33.95 34.09
C LEU B 101 3.41 33.42 33.99
N VAL B 102 2.90 32.76 35.03
CA VAL B 102 1.58 32.18 34.91
C VAL B 102 0.53 32.90 35.74
N PHE B 103 -0.29 33.74 35.10
CA PHE B 103 -1.39 34.35 35.82
C PHE B 103 -2.63 33.51 35.64
N GLU B 104 -3.36 33.27 36.71
CA GLU B 104 -4.71 32.78 36.60
C GLU B 104 -5.49 34.06 36.64
N GLY B 105 -6.21 34.39 35.57
CA GLY B 105 -6.94 35.64 35.52
C GLY B 105 -7.69 35.89 34.23
N GLU B 106 -7.81 37.15 33.83
CA GLU B 106 -8.45 37.47 32.57
C GLU B 106 -7.43 38.07 31.61
N PRO B 107 -7.39 37.55 30.39
CA PRO B 107 -6.41 38.04 29.43
C PRO B 107 -6.42 39.56 29.26
N ALA B 108 -7.41 40.10 28.55
CA ALA B 108 -7.46 41.54 28.24
C ALA B 108 -7.13 42.44 29.44
N TYR B 109 -7.62 42.05 30.60
CA TYR B 109 -7.40 42.77 31.85
C TYR B 109 -5.99 42.60 32.39
N ILE B 110 -5.54 41.36 32.43
CA ILE B 110 -4.15 41.09 32.79
C ILE B 110 -3.19 41.95 31.96
N PHE B 111 -3.32 41.83 30.65
CA PHE B 111 -2.44 42.55 29.75
C PHE B 111 -2.49 44.07 29.96
N ARG B 112 -3.69 44.60 30.09
CA ARG B 112 -3.87 46.04 30.27
C ARG B 112 -3.07 46.51 31.47
N ARG B 113 -3.10 45.70 32.53
CA ARG B 113 -2.41 46.04 33.76
C ARG B 113 -0.93 46.15 33.50
N LEU B 114 -0.34 45.01 33.16
CA LEU B 114 1.06 44.85 32.80
C LEU B 114 1.59 45.96 31.89
N HIS B 115 0.76 46.44 30.98
CA HIS B 115 1.16 47.55 30.14
C HIS B 115 1.56 48.80 30.91
N GLU B 116 0.75 49.17 31.91
CA GLU B 116 1.12 50.23 32.84
C GLU B 116 2.41 49.88 33.58
N GLN B 117 2.63 48.59 33.83
CA GLN B 117 3.83 48.18 34.53
C GLN B 117 5.05 48.43 33.67
N VAL B 118 4.84 48.38 32.36
CA VAL B 118 5.91 48.54 31.39
C VAL B 118 5.38 48.67 29.97
N ARG B 119 5.99 49.53 29.17
CA ARG B 119 5.64 49.64 27.77
C ARG B 119 5.68 48.26 27.09
N LEU B 120 4.67 47.97 26.27
CA LEU B 120 4.64 46.75 25.46
C LEU B 120 4.67 47.18 24.00
N HIS B 121 5.67 46.74 23.24
CA HIS B 121 5.72 47.12 21.84
C HIS B 121 4.94 46.13 21.03
N ARG B 122 5.06 44.87 21.43
CA ARG B 122 4.46 43.78 20.71
C ARG B 122 3.88 42.81 21.69
N ILE B 123 2.73 42.28 21.34
CA ILE B 123 2.25 41.05 21.95
C ILE B 123 2.21 39.95 20.89
N CYS B 124 3.03 38.93 21.09
CA CYS B 124 3.20 37.86 20.10
C CYS B 124 2.56 36.51 20.50
N ILE B 125 1.71 35.98 19.64
CA ILE B 125 1.06 34.68 19.86
C ILE B 125 1.11 33.84 18.59
N GLU B 126 0.87 32.52 18.73
CA GLU B 126 0.66 31.63 17.61
C GLU B 126 -0.83 31.51 17.33
N GLN B 127 -1.18 31.38 16.05
CA GLN B 127 -2.55 31.42 15.59
C GLN B 127 -3.43 30.34 16.21
N ASP B 128 -4.74 30.53 16.17
CA ASP B 128 -5.59 29.59 16.86
C ASP B 128 -6.91 29.28 16.14
N CYS B 129 -6.84 29.04 14.84
CA CYS B 129 -8.01 28.97 13.95
C CYS B 129 -9.35 28.43 14.50
N GLU B 130 -9.30 27.46 15.42
CA GLU B 130 -10.50 26.93 16.06
C GLU B 130 -11.41 28.09 16.49
N PRO B 131 -12.68 28.10 16.03
CA PRO B 131 -13.51 29.29 16.17
C PRO B 131 -13.72 29.73 17.61
N ILE B 132 -13.63 28.80 18.56
CA ILE B 132 -13.79 29.08 19.99
C ILE B 132 -12.95 30.23 20.55
N TRP B 133 -11.89 30.60 19.87
CA TRP B 133 -10.94 31.45 20.49
C TRP B 133 -11.01 32.83 19.89
N ASN B 134 -11.80 32.94 18.83
CA ASN B 134 -11.88 34.20 18.09
C ASN B 134 -12.39 35.30 19.00
N GLU B 135 -13.14 34.89 20.03
CA GLU B 135 -13.69 35.84 20.98
C GLU B 135 -12.57 36.31 21.88
N ARG B 136 -11.92 35.36 22.55
CA ARG B 136 -10.80 35.67 23.43
C ARG B 136 -9.74 36.43 22.67
N ASP B 137 -9.41 35.97 21.49
CA ASP B 137 -8.30 36.56 20.76
C ASP B 137 -8.64 38.01 20.39
N GLU B 138 -9.77 38.20 19.73
CA GLU B 138 -10.17 39.54 19.31
C GLU B 138 -10.13 40.51 20.48
N SER B 139 -10.51 40.04 21.67
CA SER B 139 -10.53 40.90 22.85
C SER B 139 -9.23 41.66 22.93
N ILE B 140 -8.15 40.95 22.66
CA ILE B 140 -6.80 41.52 22.70
C ILE B 140 -6.46 42.21 21.38
N ARG B 141 -6.80 41.58 20.26
CA ARG B 141 -6.60 42.20 18.96
C ARG B 141 -7.03 43.65 19.07
N SER B 142 -8.10 43.85 19.84
CA SER B 142 -8.72 45.16 20.01
C SER B 142 -8.06 45.97 21.09
N LEU B 143 -7.49 45.32 22.10
CA LEU B 143 -6.83 46.04 23.19
C LEU B 143 -5.51 46.66 22.70
N CYS B 144 -4.84 45.94 21.81
CA CYS B 144 -3.60 46.42 21.23
C CYS B 144 -3.90 47.65 20.38
N ARG B 145 -5.01 47.60 19.63
CA ARG B 145 -5.44 48.75 18.84
C ARG B 145 -5.55 49.98 19.73
N GLU B 146 -6.12 49.78 20.93
CA GLU B 146 -6.36 50.85 21.89
C GLU B 146 -5.08 51.42 22.49
N LEU B 147 -4.25 50.59 23.09
CA LEU B 147 -3.03 51.08 23.71
C LEU B 147 -1.87 51.22 22.72
N ASN B 148 -2.17 51.12 21.43
CA ASN B 148 -1.15 51.23 20.37
C ASN B 148 -0.04 50.22 20.54
N ILE B 149 -0.43 48.97 20.81
CA ILE B 149 0.48 47.84 20.91
C ILE B 149 0.30 46.94 19.70
N ASP B 150 1.40 46.42 19.16
CA ASP B 150 1.32 45.52 18.03
C ASP B 150 0.80 44.16 18.45
N PHE B 151 -0.32 43.74 17.86
CA PHE B 151 -0.80 42.39 18.06
C PHE B 151 -0.17 41.50 17.02
N VAL B 152 0.84 40.76 17.42
CA VAL B 152 1.55 39.87 16.50
C VAL B 152 1.03 38.43 16.55
N GLU B 153 0.76 37.90 15.38
CA GLU B 153 0.08 36.62 15.28
C GLU B 153 0.67 35.81 14.11
N LYS B 154 1.25 34.68 14.44
CA LYS B 154 1.95 33.85 13.47
C LYS B 154 1.35 32.43 13.33
N VAL B 155 1.18 31.96 12.09
CA VAL B 155 0.66 30.63 11.85
C VAL B 155 1.70 29.53 11.96
N SER B 156 1.51 28.71 12.97
CA SER B 156 2.23 27.48 13.17
C SER B 156 1.16 26.67 13.91
N HIS B 157 1.45 25.45 14.34
CA HIS B 157 0.43 24.55 14.89
C HIS B 157 -0.32 23.85 13.77
N THR B 158 -0.88 24.59 12.82
CA THR B 158 -1.35 23.93 11.59
C THR B 158 -0.17 23.90 10.61
N LEU B 159 -0.23 23.03 9.59
CA LEU B 159 0.83 22.98 8.59
C LEU B 159 0.78 24.20 7.68
N TRP B 160 -0.43 24.49 7.19
CA TRP B 160 -0.66 25.61 6.29
C TRP B 160 -1.40 26.73 7.00
N ASP B 161 -1.75 27.76 6.22
CA ASP B 161 -2.63 28.84 6.65
C ASP B 161 -4.04 28.44 6.25
N PRO B 162 -4.87 27.98 7.22
CA PRO B 162 -6.18 27.43 6.85
C PRO B 162 -6.99 28.36 5.96
N GLN B 163 -6.79 29.67 6.08
CA GLN B 163 -7.62 30.61 5.34
C GLN B 163 -7.28 30.54 3.84
N LEU B 164 -6.05 30.11 3.58
CA LEU B 164 -5.53 29.97 2.23
C LEU B 164 -5.93 28.63 1.66
N VAL B 165 -6.00 27.64 2.55
CA VAL B 165 -6.60 26.38 2.22
C VAL B 165 -8.04 26.67 1.79
N ILE B 166 -8.85 27.24 2.67
CA ILE B 166 -10.27 27.49 2.38
C ILE B 166 -10.45 28.44 1.19
N GLU B 167 -9.51 29.39 1.05
CA GLU B 167 -9.56 30.37 -0.02
C GLU B 167 -9.55 29.63 -1.35
N THR B 168 -8.68 28.62 -1.45
CA THR B 168 -8.50 27.90 -2.70
C THR B 168 -9.72 27.05 -3.07
N ASN B 169 -10.21 26.24 -2.15
CA ASN B 169 -11.42 25.48 -2.43
C ASN B 169 -12.61 26.43 -2.65
N GLY B 170 -12.30 27.64 -3.08
CA GLY B 170 -13.31 28.60 -3.43
C GLY B 170 -14.15 28.88 -2.22
N GLY B 171 -13.49 29.24 -1.13
CA GLY B 171 -14.18 29.87 -0.02
C GLY B 171 -14.89 28.95 0.94
N ILE B 172 -15.14 27.71 0.54
CA ILE B 172 -15.64 26.70 1.47
C ILE B 172 -14.47 25.81 1.83
N PRO B 173 -14.49 25.27 3.07
CA PRO B 173 -13.45 24.34 3.55
C PRO B 173 -13.70 22.96 2.97
N PRO B 174 -12.62 22.33 2.51
CA PRO B 174 -12.75 20.98 1.94
C PRO B 174 -13.43 20.07 2.95
N LEU B 175 -14.44 19.34 2.51
CA LEU B 175 -15.23 18.48 3.38
C LEU B 175 -14.83 17.00 3.34
N THR B 176 -13.80 16.67 2.57
CA THR B 176 -13.43 15.28 2.37
C THR B 176 -11.94 15.15 2.24
N TYR B 177 -11.37 14.13 2.86
CA TYR B 177 -9.93 13.98 2.83
C TYR B 177 -9.40 14.10 1.41
N GLN B 178 -9.94 13.33 0.47
CA GLN B 178 -9.50 13.44 -0.93
C GLN B 178 -9.46 14.90 -1.35
N MET B 179 -10.56 15.58 -1.09
CA MET B 179 -10.70 16.93 -1.56
C MET B 179 -9.69 17.80 -0.88
N PHE B 180 -9.34 17.41 0.33
CA PHE B 180 -8.41 18.20 1.09
C PHE B 180 -7.03 18.17 0.45
N LEU B 181 -6.48 16.98 0.20
CA LEU B 181 -5.13 16.93 -0.34
C LEU B 181 -5.07 17.54 -1.73
N HIS B 182 -6.08 17.24 -2.54
CA HIS B 182 -6.14 17.92 -3.81
C HIS B 182 -5.89 19.39 -3.58
N THR B 183 -6.74 20.04 -2.81
CA THR B 183 -6.52 21.42 -2.44
C THR B 183 -5.05 21.73 -2.00
N VAL B 184 -4.53 21.09 -0.95
CA VAL B 184 -3.16 21.41 -0.50
C VAL B 184 -2.07 20.90 -1.43
N GLN B 185 -2.46 20.39 -2.59
CA GLN B 185 -1.50 19.91 -3.56
C GLN B 185 -1.30 20.97 -4.64
N ILE B 186 -2.24 21.90 -4.72
CA ILE B 186 -2.06 23.06 -5.57
C ILE B 186 -1.08 23.98 -4.84
N ILE B 187 -1.53 24.47 -3.69
CA ILE B 187 -0.67 25.08 -2.70
C ILE B 187 0.42 24.04 -2.49
N GLY B 188 1.68 24.43 -2.60
CA GLY B 188 2.75 23.45 -2.48
C GLY B 188 2.94 22.83 -1.11
N LEU B 189 4.08 22.16 -0.91
CA LEU B 189 4.48 21.69 0.43
C LEU B 189 4.36 22.78 1.49
N PRO B 190 4.14 22.37 2.74
CA PRO B 190 3.97 23.33 3.81
C PRO B 190 5.29 23.97 4.20
N PRO B 191 5.22 25.12 4.88
CA PRO B 191 6.37 25.83 5.43
C PRO B 191 7.28 24.91 6.23
N ARG B 192 8.55 25.26 6.29
CA ARG B 192 9.53 24.47 7.00
C ARG B 192 9.63 25.02 8.40
N PRO B 193 10.12 24.23 9.36
CA PRO B 193 10.22 24.75 10.73
C PRO B 193 11.05 26.03 10.77
N THR B 194 10.79 26.90 11.74
CA THR B 194 11.61 28.09 11.87
C THR B 194 12.88 27.84 12.68
N ALA B 195 13.80 28.78 12.54
CA ALA B 195 15.11 28.70 13.17
C ALA B 195 14.97 28.47 14.65
N ASP B 196 15.99 27.86 15.24
CA ASP B 196 16.07 27.79 16.69
C ASP B 196 16.29 29.22 17.31
N ALA B 197 15.71 29.44 18.49
CA ALA B 197 15.65 30.79 19.08
C ALA B 197 16.85 31.18 19.96
N ARG B 198 17.20 32.47 19.92
CA ARG B 198 18.31 32.99 20.73
C ARG B 198 17.84 33.66 22.02
N LEU B 199 17.80 32.90 23.12
CA LEU B 199 17.39 33.47 24.39
C LEU B 199 18.58 33.70 25.33
N GLU B 200 19.73 33.15 24.93
CA GLU B 200 20.92 33.17 25.77
C GLU B 200 21.28 34.60 26.09
N ASP B 201 21.21 35.47 25.08
CA ASP B 201 21.50 36.88 25.26
C ASP B 201 20.25 37.77 25.14
N ALA B 202 19.27 37.54 26.00
CA ALA B 202 18.04 38.34 26.02
C ALA B 202 17.76 38.94 27.39
N THR B 203 17.06 40.07 27.41
CA THR B 203 16.69 40.73 28.65
C THR B 203 15.31 40.31 29.15
N PHE B 204 15.10 40.53 30.44
CA PHE B 204 13.80 40.29 31.03
C PHE B 204 13.38 41.35 32.03
N VAL B 205 12.27 41.05 32.68
CA VAL B 205 11.52 42.05 33.40
C VAL B 205 11.42 41.76 34.90
N GLU B 206 11.70 42.79 35.68
CA GLU B 206 11.56 42.73 37.12
C GLU B 206 10.28 43.46 37.51
N LEU B 207 9.27 42.71 37.93
CA LEU B 207 7.98 43.31 38.25
C LEU B 207 7.91 43.67 39.72
N ASP B 208 7.09 44.68 40.05
CA ASP B 208 6.87 45.08 41.42
C ASP B 208 6.10 43.96 42.12
N PRO B 209 6.63 43.43 43.22
CA PRO B 209 6.03 42.23 43.85
C PRO B 209 4.57 42.43 44.29
N GLU B 210 4.20 43.66 44.62
CA GLU B 210 2.81 43.95 44.95
C GLU B 210 2.01 43.66 43.68
N PHE B 211 2.42 44.28 42.58
CA PHE B 211 1.74 44.05 41.31
C PHE B 211 1.63 42.54 41.07
N CYS B 212 2.74 41.83 41.25
CA CYS B 212 2.75 40.40 41.01
C CYS B 212 1.63 39.72 41.76
N ARG B 213 1.37 40.22 42.97
CA ARG B 213 0.37 39.65 43.88
C ARG B 213 -1.03 40.02 43.39
N SER B 214 -1.21 41.29 43.08
CA SER B 214 -2.52 41.80 42.70
C SER B 214 -3.01 41.13 41.42
N LEU B 215 -2.08 40.68 40.59
CA LEU B 215 -2.48 40.05 39.33
C LEU B 215 -2.54 38.53 39.41
N LYS B 216 -2.37 37.99 40.60
CA LYS B 216 -2.52 36.54 40.81
C LYS B 216 -1.46 35.70 40.08
N LEU B 217 -0.41 36.34 39.55
CA LEU B 217 0.70 35.61 38.96
C LEU B 217 1.19 34.53 39.92
N PHE B 218 1.27 33.29 39.46
CA PHE B 218 1.74 32.18 40.30
C PHE B 218 3.25 32.26 40.63
N GLU B 219 3.57 32.07 41.91
CA GLU B 219 4.95 31.91 42.36
C GLU B 219 5.34 30.47 42.07
N GLN B 220 4.56 29.55 42.60
CA GLN B 220 4.76 28.13 42.33
C GLN B 220 3.68 27.58 41.38
N LEU B 221 4.11 26.91 40.31
CA LEU B 221 3.18 26.28 39.34
C LEU B 221 2.18 25.39 40.07
N PRO B 222 0.88 25.47 39.71
CA PRO B 222 -0.22 24.85 40.47
C PRO B 222 -0.42 23.36 40.31
N THR B 223 -1.36 22.84 41.08
CA THR B 223 -1.82 21.49 40.83
C THR B 223 -3.18 21.55 40.17
N PRO B 224 -3.54 20.45 39.47
CA PRO B 224 -4.86 20.35 38.86
C PRO B 224 -5.91 20.71 39.90
N GLU B 225 -5.64 20.34 41.15
CA GLU B 225 -6.56 20.55 42.24
C GLU B 225 -6.86 22.04 42.49
N HIS B 226 -5.92 22.90 42.12
CA HIS B 226 -6.12 24.30 42.29
C HIS B 226 -7.29 24.75 41.41
N PHE B 227 -7.57 23.97 40.37
CA PHE B 227 -8.61 24.35 39.42
C PHE B 227 -9.88 23.53 39.69
N ASN B 228 -9.95 23.03 40.92
CA ASN B 228 -11.02 22.13 41.35
C ASN B 228 -11.04 20.90 40.44
N VAL B 229 -9.89 20.59 39.84
CA VAL B 229 -9.78 19.42 38.97
C VAL B 229 -9.21 18.24 39.77
N TYR B 230 -9.91 17.10 39.73
CA TYR B 230 -9.66 16.04 40.71
C TYR B 230 -9.29 14.65 40.19
N GLY B 231 -8.10 14.22 40.59
CA GLY B 231 -7.50 13.01 40.09
C GLY B 231 -8.23 11.72 40.42
N ASP B 232 -9.55 11.80 40.53
CA ASP B 232 -10.33 10.59 40.69
C ASP B 232 -10.56 9.96 39.33
N ASN B 233 -11.19 10.72 38.43
CA ASN B 233 -11.63 10.19 37.14
C ASN B 233 -12.71 9.12 37.29
N MET B 234 -13.91 9.55 37.66
CA MET B 234 -15.02 8.62 37.93
C MET B 234 -14.54 7.33 38.59
N GLY B 235 -13.75 7.48 39.66
CA GLY B 235 -13.14 6.37 40.35
C GLY B 235 -12.20 5.56 39.47
N PHE B 236 -10.90 5.88 39.49
CA PHE B 236 -9.93 5.13 38.68
C PHE B 236 -8.44 5.37 38.94
N LEU B 237 -7.65 4.33 38.72
CA LEU B 237 -6.26 4.45 38.30
C LEU B 237 -5.57 3.08 38.06
N ALA B 238 -5.89 2.45 36.94
CA ALA B 238 -5.03 1.46 36.34
C ALA B 238 -4.03 2.39 35.63
N LYS B 239 -2.92 1.90 35.08
CA LYS B 239 -2.02 2.87 34.48
C LYS B 239 -0.72 2.45 33.72
N ILE B 240 0.07 3.49 33.46
CA ILE B 240 1.30 3.52 32.67
C ILE B 240 1.27 4.80 31.84
N ASN B 241 1.58 5.92 32.49
CA ASN B 241 1.25 7.21 31.92
C ASN B 241 2.35 8.03 31.21
N TRP B 242 1.92 9.18 30.71
CA TRP B 242 2.67 10.03 29.81
C TRP B 242 3.04 11.30 30.53
N ARG B 243 3.98 12.05 29.99
CA ARG B 243 4.27 13.35 30.55
C ARG B 243 4.29 14.36 29.42
N GLY B 244 3.91 15.60 29.75
CA GLY B 244 3.92 16.68 28.79
C GLY B 244 5.27 17.32 28.63
N GLY B 245 5.33 18.30 27.74
CA GLY B 245 6.57 18.98 27.49
C GLY B 245 7.21 18.73 26.15
N GLU B 246 7.77 19.79 25.59
CA GLU B 246 8.46 19.76 24.31
C GLU B 246 9.70 18.90 24.33
N THR B 247 10.34 18.80 25.50
CA THR B 247 11.46 17.89 25.62
C THR B 247 10.92 16.50 25.41
N GLN B 248 10.04 16.09 26.32
CA GLN B 248 9.32 14.82 26.13
C GLN B 248 8.88 14.60 24.69
N ALA B 249 8.30 15.62 24.06
CA ALA B 249 7.84 15.47 22.70
C ALA B 249 9.07 15.16 21.86
N LEU B 250 10.06 16.04 21.90
CA LEU B 250 11.22 15.84 21.06
C LEU B 250 11.87 14.48 21.30
N LEU B 251 12.03 14.10 22.57
CA LEU B 251 12.51 12.77 22.90
C LEU B 251 11.74 11.76 22.03
N LEU B 252 10.43 11.75 22.17
CA LEU B 252 9.56 10.78 21.50
C LEU B 252 9.60 10.77 19.98
N LEU B 253 10.01 11.88 19.35
CA LEU B 253 10.04 11.96 17.90
C LEU B 253 11.21 11.22 17.28
N ASP B 254 12.38 11.35 17.89
CA ASP B 254 13.53 10.54 17.51
C ASP B 254 13.23 9.08 17.75
N GLU B 255 12.71 8.79 18.94
CA GLU B 255 12.44 7.43 19.34
C GLU B 255 11.63 6.73 18.28
N ARG B 256 10.57 7.37 17.80
CA ARG B 256 9.81 6.81 16.69
C ARG B 256 10.58 6.95 15.39
N LEU B 257 11.20 8.12 15.16
CA LEU B 257 11.99 8.34 13.95
C LEU B 257 13.00 7.24 13.60
N LYS B 258 13.89 6.92 14.54
CA LYS B 258 14.79 5.78 14.42
C LYS B 258 14.02 4.65 13.73
N VAL B 259 13.15 3.96 14.48
CA VAL B 259 12.38 2.87 13.91
C VAL B 259 12.06 3.06 12.44
N GLU B 260 11.44 4.20 12.10
CA GLU B 260 11.00 4.43 10.74
C GLU B 260 12.15 4.28 9.78
N GLN B 261 13.28 4.91 10.07
CA GLN B 261 14.48 4.73 9.27
C GLN B 261 14.82 3.26 9.06
N HIS B 262 14.78 2.43 10.11
CA HIS B 262 14.96 0.99 9.91
C HIS B 262 14.00 0.51 8.81
N ALA B 263 12.70 0.59 9.07
CA ALA B 263 11.76 0.24 8.04
C ALA B 263 12.15 0.91 6.74
N PHE B 264 12.72 2.10 6.83
CA PHE B 264 13.13 2.81 5.62
C PHE B 264 14.31 2.08 4.97
N GLU B 265 15.39 1.87 5.72
CA GLU B 265 16.56 1.15 5.18
C GLU B 265 16.18 -0.26 4.80
N ARG B 266 15.63 -1.01 5.76
CA ARG B 266 15.05 -2.30 5.47
C ARG B 266 14.32 -2.13 4.18
N GLY B 267 14.42 -3.11 3.29
CA GLY B 267 13.58 -3.08 2.11
C GLY B 267 12.23 -2.71 2.69
N PHE B 268 11.71 -1.55 2.29
CA PHE B 268 10.44 -1.00 2.77
C PHE B 268 9.79 -1.79 3.92
N TYR B 269 8.48 -1.93 3.83
CA TYR B 269 7.67 -2.53 4.87
C TYR B 269 8.13 -2.34 6.32
N LEU B 270 7.16 -1.93 7.12
CA LEU B 270 7.20 -2.18 8.54
C LEU B 270 6.83 -3.67 8.56
N PRO B 271 7.67 -4.53 9.17
CA PRO B 271 7.47 -5.98 9.14
C PRO B 271 6.10 -6.35 9.66
N ASN B 272 5.80 -7.63 9.77
CA ASN B 272 4.40 -8.05 9.92
C ASN B 272 3.67 -7.48 11.17
N GLN B 273 4.42 -6.96 12.14
CA GLN B 273 3.83 -6.17 13.23
C GLN B 273 3.70 -4.70 12.87
N ALA B 274 3.15 -4.43 11.69
CA ALA B 274 2.74 -3.09 11.27
C ALA B 274 1.22 -3.05 11.24
N LEU B 275 0.59 -4.16 11.61
CA LEU B 275 -0.83 -4.17 11.92
C LEU B 275 -0.96 -3.70 13.36
N PRO B 276 -2.11 -3.09 13.68
CA PRO B 276 -2.23 -2.28 14.89
C PRO B 276 -2.07 -3.09 16.18
N ASN B 277 -1.10 -2.65 17.02
CA ASN B 277 -0.91 -3.19 18.35
C ASN B 277 -1.41 -2.19 19.37
N ILE B 278 -2.39 -2.60 20.18
CA ILE B 278 -2.98 -1.67 21.14
C ILE B 278 -2.21 -1.56 22.46
N HIS B 279 -1.71 -2.69 22.95
CA HIS B 279 -0.76 -2.71 24.09
C HIS B 279 0.73 -2.39 23.72
N ASP B 280 0.91 -1.47 22.77
CA ASP B 280 2.20 -0.83 22.51
C ASP B 280 2.42 0.10 23.69
N SER B 281 3.44 0.95 23.63
CA SER B 281 3.77 1.85 24.77
C SER B 281 3.00 3.18 24.75
N PRO B 282 3.52 4.18 25.49
CA PRO B 282 3.24 5.59 25.17
C PRO B 282 4.23 6.11 24.11
N LYS B 283 3.74 6.28 22.89
CA LYS B 283 4.60 6.56 21.75
C LYS B 283 4.01 7.74 20.98
N SER B 284 2.71 7.92 21.17
CA SER B 284 1.93 8.79 20.30
C SER B 284 2.15 10.25 20.62
N MET B 285 2.45 11.01 19.59
CA MET B 285 2.81 12.39 19.78
C MET B 285 1.58 13.28 19.63
N SER B 286 0.41 12.64 19.61
CA SER B 286 -0.87 13.31 19.37
C SER B 286 -1.08 14.42 20.36
N ALA B 287 -0.78 14.11 21.62
CA ALA B 287 -1.05 15.01 22.73
C ALA B 287 -0.01 16.09 22.83
N HIS B 288 1.08 15.93 22.09
CA HIS B 288 2.16 16.93 22.04
C HIS B 288 1.99 17.92 20.88
N LEU B 289 1.56 17.43 19.73
CA LEU B 289 1.15 18.31 18.64
C LEU B 289 -0.16 19.02 19.02
N ARG B 290 -0.97 18.39 19.86
CA ARG B 290 -2.20 19.03 20.32
C ARG B 290 -1.91 20.25 21.17
N PHE B 291 -0.86 20.18 21.99
CA PHE B 291 -0.47 21.33 22.81
C PHE B 291 0.69 22.13 22.24
N GLY B 292 1.07 21.83 21.00
CA GLY B 292 2.16 22.55 20.39
C GLY B 292 3.50 22.11 20.95
N CYS B 293 3.46 21.35 22.05
CA CYS B 293 4.65 20.76 22.66
C CYS B 293 5.63 20.32 21.58
N LEU B 294 5.10 19.94 20.42
CA LEU B 294 5.90 19.55 19.28
C LEU B 294 5.34 20.20 18.00
N SER B 295 6.24 20.78 17.21
CA SER B 295 5.85 21.50 16.00
C SER B 295 5.45 20.54 14.91
N VAL B 296 4.30 20.77 14.30
CA VAL B 296 3.85 19.81 13.31
C VAL B 296 4.70 19.97 12.05
N ARG B 297 5.13 21.19 11.78
CA ARG B 297 6.00 21.46 10.64
C ARG B 297 7.28 20.66 10.73
N ARG B 298 7.75 20.48 11.97
CA ARG B 298 8.97 19.75 12.22
C ARG B 298 8.72 18.25 12.05
N PHE B 299 7.59 17.77 12.54
CA PHE B 299 7.22 16.38 12.34
C PHE B 299 7.22 16.05 10.85
N TYR B 300 6.51 16.83 10.07
CA TYR B 300 6.36 16.58 8.64
C TYR B 300 7.68 16.56 7.84
N TRP B 301 8.57 17.50 8.10
CA TRP B 301 9.84 17.59 7.39
C TRP B 301 10.95 16.70 7.94
N SER B 302 10.85 16.23 9.16
CA SER B 302 11.76 15.14 9.58
C SER B 302 11.46 13.86 8.77
N VAL B 303 10.19 13.43 8.80
CA VAL B 303 9.64 12.43 7.89
C VAL B 303 9.95 12.67 6.41
N HIS B 304 9.53 13.82 5.87
CA HIS B 304 9.75 14.12 4.46
C HIS B 304 11.23 14.21 4.08
N ASP B 305 12.06 14.64 5.02
CA ASP B 305 13.49 14.62 4.81
C ASP B 305 14.03 13.19 4.83
N LEU B 306 13.63 12.40 5.81
CA LEU B 306 14.13 11.03 5.95
C LEU B 306 13.92 10.22 4.68
N PHE B 307 12.90 10.57 3.92
CA PHE B 307 12.48 9.73 2.81
C PHE B 307 12.83 10.36 1.50
N LYS B 308 13.22 11.63 1.52
CA LYS B 308 13.58 12.32 0.30
C LYS B 308 14.22 11.32 -0.63
N ASN B 309 13.88 11.45 -1.91
CA ASN B 309 14.44 10.61 -2.96
C ASN B 309 14.72 9.16 -2.55
N VAL B 310 13.69 8.32 -2.65
CA VAL B 310 13.82 6.86 -2.68
C VAL B 310 12.44 6.34 -3.06
N GLN B 311 12.39 5.31 -3.90
CA GLN B 311 11.12 4.98 -4.53
C GLN B 311 10.29 3.93 -3.80
N LEU B 312 10.93 3.20 -2.89
CA LEU B 312 10.33 2.02 -2.23
C LEU B 312 8.83 1.81 -2.36
N ARG B 313 8.46 0.82 -3.18
CA ARG B 313 7.08 0.42 -3.30
C ARG B 313 6.74 -0.60 -2.23
N ALA B 314 6.09 -0.11 -1.19
CA ALA B 314 5.40 -0.96 -0.23
C ALA B 314 4.27 -0.14 0.34
N CYS B 315 3.20 -0.81 0.77
CA CYS B 315 2.14 -0.08 1.43
C CYS B 315 2.32 -0.27 2.94
N VAL B 316 1.42 0.30 3.74
CA VAL B 316 1.53 0.11 5.18
C VAL B 316 0.38 -0.64 5.91
N ARG B 317 -0.81 -0.06 6.18
CA ARG B 317 -1.44 1.08 5.50
C ARG B 317 -2.11 0.55 4.24
N GLY B 318 -2.99 1.33 3.65
CA GLY B 318 -3.42 1.07 2.29
C GLY B 318 -2.84 2.19 1.48
N VAL B 319 -1.94 2.90 2.15
CA VAL B 319 -1.33 4.13 1.67
C VAL B 319 0.11 3.82 1.30
N GLN B 320 0.55 4.36 0.17
CA GLN B 320 1.93 4.14 -0.26
C GLN B 320 2.89 4.43 0.87
N MET B 321 4.14 4.02 0.72
CA MET B 321 5.11 4.22 1.78
C MET B 321 6.18 5.23 1.36
N THR B 322 6.38 5.34 0.05
CA THR B 322 7.43 6.18 -0.51
C THR B 322 7.29 7.68 -0.26
N GLY B 323 8.38 8.34 0.11
CA GLY B 323 8.34 9.77 0.43
C GLY B 323 7.62 10.06 1.74
N GLY B 324 7.62 9.08 2.65
CA GLY B 324 6.93 9.20 3.93
C GLY B 324 5.42 9.43 3.88
N ALA B 325 4.84 9.35 2.69
CA ALA B 325 3.45 9.75 2.50
C ALA B 325 2.43 8.93 3.30
N HIS B 326 2.89 7.86 3.94
CA HIS B 326 2.05 7.05 4.83
C HIS B 326 1.93 7.65 6.25
N ILE B 327 2.98 8.35 6.69
CA ILE B 327 3.00 9.06 7.98
C ILE B 327 2.73 10.56 7.83
N THR B 328 3.33 11.12 6.79
CA THR B 328 2.99 12.47 6.34
C THR B 328 1.47 12.70 6.31
N GLY B 329 0.73 11.74 5.77
CA GLY B 329 -0.72 11.86 5.68
C GLY B 329 -1.47 12.02 6.99
N GLN B 330 -0.86 11.57 8.10
CA GLN B 330 -1.58 11.55 9.38
C GLN B 330 -1.65 12.95 9.98
N LEU B 331 -0.69 13.76 9.57
CA LEU B 331 -0.66 15.12 10.05
C LEU B 331 -1.54 15.93 9.13
N ILE B 332 -1.87 15.35 7.97
CA ILE B 332 -2.77 15.99 7.02
C ILE B 332 -4.18 15.67 7.48
N TRP B 333 -4.36 14.50 8.09
CA TRP B 333 -5.65 14.19 8.68
C TRP B 333 -5.95 15.22 9.75
N ARG B 334 -4.93 15.58 10.51
CA ARG B 334 -5.07 16.59 11.54
C ARG B 334 -5.48 17.89 10.89
N GLU B 335 -4.69 18.30 9.91
CA GLU B 335 -4.93 19.52 9.15
C GLU B 335 -6.37 19.55 8.63
N TYR B 336 -6.86 18.37 8.26
CA TYR B 336 -8.16 18.19 7.63
C TYR B 336 -9.32 18.61 8.55
N PHE B 337 -9.22 18.30 9.83
CA PHE B 337 -10.32 18.65 10.69
C PHE B 337 -10.29 20.10 11.20
N TYR B 338 -9.20 20.52 11.85
CA TYR B 338 -8.99 21.92 12.28
C TYR B 338 -9.45 22.90 11.19
N THR B 339 -8.80 22.78 10.04
CA THR B 339 -9.03 23.66 8.90
C THR B 339 -10.49 23.59 8.46
N MET B 340 -11.13 22.45 8.63
CA MET B 340 -12.51 22.30 8.19
C MET B 340 -13.49 22.91 9.18
N SER B 341 -13.00 23.44 10.29
CA SER B 341 -13.87 23.91 11.36
C SER B 341 -13.81 25.43 11.55
N VAL B 342 -12.74 26.06 11.07
CA VAL B 342 -12.46 27.46 11.36
C VAL B 342 -13.72 28.35 11.43
N ASN B 343 -14.51 28.36 10.36
CA ASN B 343 -15.65 29.28 10.30
C ASN B 343 -17.00 28.72 10.78
N ASN B 344 -17.05 27.45 11.15
CA ASN B 344 -18.30 26.85 11.63
C ASN B 344 -18.28 26.61 13.15
N PRO B 345 -18.77 27.58 13.93
CA PRO B 345 -18.66 27.47 15.40
C PRO B 345 -19.70 26.52 15.99
N ASN B 346 -20.58 26.00 15.13
CA ASN B 346 -21.52 24.96 15.53
C ASN B 346 -20.98 23.55 15.24
N TYR B 347 -19.69 23.50 14.95
CA TYR B 347 -18.99 22.29 14.60
C TYR B 347 -19.17 21.12 15.60
N ASP B 348 -19.05 21.42 16.88
CA ASP B 348 -19.23 20.41 17.91
C ASP B 348 -20.69 19.91 18.08
N ARG B 349 -21.64 20.59 17.42
CA ARG B 349 -23.05 20.26 17.59
C ARG B 349 -23.66 19.67 16.34
N MET B 350 -24.79 18.98 16.47
CA MET B 350 -25.38 18.32 15.32
C MET B 350 -26.24 19.27 14.54
N GLU B 351 -26.87 20.21 15.24
CA GLU B 351 -27.84 21.12 14.62
C GLU B 351 -27.29 22.53 14.58
N GLY B 352 -27.53 23.22 13.47
CA GLY B 352 -26.87 24.49 13.25
C GLY B 352 -25.51 24.18 12.62
N ASN B 353 -25.33 22.91 12.28
CA ASN B 353 -24.11 22.46 11.62
C ASN B 353 -24.40 22.10 10.17
N ASP B 354 -24.13 23.05 9.27
CA ASP B 354 -24.38 22.88 7.83
C ASP B 354 -23.74 21.60 7.29
N ILE B 355 -22.77 21.06 8.02
CA ILE B 355 -21.98 19.93 7.52
C ILE B 355 -22.21 18.58 8.26
N CYS B 356 -22.98 18.59 9.33
CA CYS B 356 -23.32 17.33 9.98
C CYS B 356 -24.74 16.94 9.60
N LEU B 357 -24.86 15.96 8.72
CA LEU B 357 -26.14 15.39 8.38
C LEU B 357 -26.97 15.32 9.67
N SER B 358 -28.28 15.52 9.55
CA SER B 358 -29.15 15.49 10.72
C SER B 358 -29.76 14.10 10.82
N ILE B 359 -29.54 13.44 11.95
CA ILE B 359 -29.73 12.01 12.05
C ILE B 359 -30.49 11.68 13.32
N PRO B 360 -31.65 10.99 13.20
CA PRO B 360 -32.57 10.82 14.33
C PRO B 360 -32.04 9.88 15.41
N TRP B 361 -30.98 10.28 16.09
CA TRP B 361 -30.44 9.52 17.20
C TRP B 361 -31.54 9.35 18.22
N ALA B 362 -31.59 8.17 18.84
CA ALA B 362 -32.60 7.92 19.85
C ALA B 362 -32.30 8.63 21.19
N LYS B 363 -33.34 9.13 21.84
CA LYS B 363 -33.21 9.87 23.10
C LYS B 363 -32.05 9.40 23.95
N PRO B 364 -31.41 10.35 24.66
CA PRO B 364 -30.41 10.05 25.67
C PRO B 364 -30.95 9.04 26.67
N ASN B 365 -30.18 7.98 26.86
CA ASN B 365 -30.54 6.98 27.85
C ASN B 365 -29.45 7.03 28.90
N GLU B 366 -29.61 7.96 29.83
CA GLU B 366 -28.60 8.26 30.83
C GLU B 366 -27.99 7.03 31.50
N ASN B 367 -28.74 5.94 31.65
CA ASN B 367 -28.18 4.73 32.24
C ASN B 367 -27.17 4.12 31.29
N LEU B 368 -27.48 4.24 30.00
CA LEU B 368 -26.64 3.71 28.92
C LEU B 368 -25.35 4.49 28.82
N LEU B 369 -25.50 5.80 28.62
CA LEU B 369 -24.37 6.71 28.62
C LEU B 369 -23.47 6.43 29.83
N GLN B 370 -24.03 6.64 31.02
CA GLN B 370 -23.26 6.48 32.25
C GLN B 370 -22.61 5.11 32.40
N SER B 371 -22.98 4.16 31.54
CA SER B 371 -22.30 2.86 31.53
C SER B 371 -21.24 2.82 30.42
N TRP B 372 -21.53 3.54 29.34
CA TRP B 372 -20.55 3.69 28.27
C TRP B 372 -19.33 4.45 28.78
N ARG B 373 -19.57 5.48 29.57
CA ARG B 373 -18.45 6.27 30.10
C ARG B 373 -17.66 5.47 31.15
N LEU B 374 -18.33 4.49 31.77
CA LEU B 374 -17.75 3.74 32.89
C LEU B 374 -17.08 2.43 32.49
N GLY B 375 -17.51 1.86 31.38
CA GLY B 375 -16.97 0.58 30.95
C GLY B 375 -17.69 -0.57 31.62
N GLN B 376 -19.01 -0.45 31.71
CA GLN B 376 -19.84 -1.46 32.32
C GLN B 376 -20.93 -1.75 31.31
N THR B 377 -20.53 -2.30 30.18
CA THR B 377 -21.47 -2.59 29.11
C THR B 377 -21.72 -4.09 29.02
N GLY B 378 -20.68 -4.85 29.32
CA GLY B 378 -20.72 -6.28 29.15
C GLY B 378 -20.00 -6.71 27.89
N PHE B 379 -19.76 -5.76 26.99
CA PHE B 379 -18.98 -6.06 25.81
C PHE B 379 -17.55 -5.60 26.07
N PRO B 380 -16.66 -6.53 26.43
CA PRO B 380 -15.36 -6.17 27.03
C PRO B 380 -14.54 -5.07 26.33
N LEU B 381 -14.02 -5.30 25.12
CA LEU B 381 -13.16 -4.31 24.47
C LEU B 381 -13.71 -2.88 24.53
N ILE B 382 -15.00 -2.71 24.28
CA ILE B 382 -15.65 -1.44 24.63
C ILE B 382 -15.36 -1.02 26.09
N ASP B 383 -15.60 -1.95 27.03
CA ASP B 383 -15.33 -1.74 28.44
C ASP B 383 -13.84 -1.57 28.68
N GLY B 384 -13.06 -2.46 28.09
CA GLY B 384 -11.62 -2.33 28.11
C GLY B 384 -11.20 -0.91 27.79
N ALA B 385 -11.79 -0.31 26.76
CA ALA B 385 -11.30 0.99 26.24
C ALA B 385 -11.84 2.25 26.94
N MET B 386 -13.10 2.25 27.30
CA MET B 386 -13.63 3.37 28.05
C MET B 386 -12.89 3.47 29.36
N ARG B 387 -12.41 2.33 29.84
CA ARG B 387 -11.70 2.26 31.10
C ARG B 387 -10.24 2.64 30.93
N GLN B 388 -9.69 2.36 29.77
CA GLN B 388 -8.37 2.88 29.45
C GLN B 388 -8.48 4.40 29.41
N LEU B 389 -9.49 4.88 28.72
CA LEU B 389 -9.69 6.31 28.63
C LEU B 389 -9.59 6.90 30.04
N LEU B 390 -10.52 6.49 30.91
CA LEU B 390 -10.57 6.98 32.28
C LEU B 390 -9.24 6.78 33.01
N ALA B 391 -8.75 5.56 33.05
CA ALA B 391 -7.47 5.28 33.69
C ALA B 391 -6.29 6.16 33.22
N GLU B 392 -6.07 6.20 31.91
CA GLU B 392 -4.84 6.78 31.37
C GLU B 392 -4.99 8.09 30.59
N GLY B 393 -5.99 8.16 29.73
CA GLY B 393 -6.29 9.39 29.01
C GLY B 393 -6.04 9.32 27.53
N TRP B 394 -5.64 8.14 27.05
CA TRP B 394 -5.29 7.95 25.64
C TRP B 394 -5.71 6.56 25.13
N LEU B 395 -6.11 6.54 23.87
CA LEU B 395 -6.72 5.36 23.32
C LEU B 395 -6.26 5.22 21.90
N HIS B 396 -5.86 4.01 21.52
CA HIS B 396 -5.52 3.74 20.14
C HIS B 396 -6.68 4.06 19.19
N HIS B 397 -6.33 4.44 17.96
CA HIS B 397 -7.32 4.87 16.96
C HIS B 397 -8.41 3.81 16.76
N THR B 398 -8.00 2.58 16.49
CA THR B 398 -8.94 1.51 16.22
C THR B 398 -9.82 1.34 17.41
N LEU B 399 -9.31 1.73 18.58
CA LEU B 399 -10.07 1.73 19.83
C LEU B 399 -11.12 2.87 19.90
N ARG B 400 -10.67 4.11 19.70
CA ARG B 400 -11.58 5.27 19.62
C ARG B 400 -12.77 4.93 18.71
N ASN B 401 -12.47 4.15 17.67
CA ASN B 401 -13.45 3.79 16.67
C ASN B 401 -14.48 2.89 17.30
N THR B 402 -14.07 1.70 17.71
CA THR B 402 -15.05 0.73 18.14
C THR B 402 -16.02 1.34 19.16
N VAL B 403 -15.50 2.19 20.05
CA VAL B 403 -16.32 2.75 21.13
C VAL B 403 -17.24 3.83 20.61
N ALA B 404 -16.80 4.56 19.59
CA ALA B 404 -17.62 5.61 19.00
C ALA B 404 -18.74 4.97 18.18
N THR B 405 -18.41 3.90 17.46
CA THR B 405 -19.40 3.21 16.66
C THR B 405 -20.21 2.29 17.56
N PHE B 406 -19.73 2.06 18.76
CA PHE B 406 -20.58 1.35 19.70
C PHE B 406 -21.68 2.27 20.17
N LEU B 407 -21.33 3.51 20.42
CA LEU B 407 -22.26 4.41 21.05
C LEU B 407 -23.31 4.88 20.05
N THR B 408 -22.99 4.81 18.78
CA THR B 408 -23.76 5.58 17.83
C THR B 408 -23.85 4.85 16.53
N ARG B 409 -24.97 4.22 16.23
CA ARG B 409 -25.14 3.56 14.92
C ARG B 409 -24.72 2.10 14.92
N GLY B 410 -23.65 1.78 15.66
CA GLY B 410 -23.18 0.42 15.76
C GLY B 410 -23.81 -0.38 16.90
N GLY B 411 -25.07 -0.06 17.22
CA GLY B 411 -25.74 -0.54 18.42
C GLY B 411 -25.66 0.59 19.40
N LEU B 412 -26.59 0.72 20.32
CA LEU B 412 -26.79 2.02 20.99
C LEU B 412 -27.13 2.89 19.78
N TRP B 413 -27.84 3.98 19.98
CA TRP B 413 -28.13 4.81 18.83
C TRP B 413 -28.12 6.25 19.30
N GLN B 414 -27.25 6.50 20.29
CA GLN B 414 -27.14 7.75 21.01
C GLN B 414 -26.43 8.76 20.15
N SER B 415 -26.73 10.04 20.32
CA SER B 415 -26.09 11.06 19.50
C SER B 415 -24.59 11.06 19.71
N TRP B 416 -23.85 11.38 18.67
CA TRP B 416 -22.41 11.54 18.80
C TRP B 416 -21.98 12.74 19.66
N GLU B 417 -22.80 13.78 19.72
CA GLU B 417 -22.57 14.87 20.68
C GLU B 417 -22.25 14.38 22.13
N HIS B 418 -22.86 13.26 22.54
CA HIS B 418 -22.66 12.71 23.89
C HIS B 418 -21.25 12.24 24.09
N GLY B 419 -20.82 11.39 23.16
CA GLY B 419 -19.50 10.79 23.21
C GLY B 419 -18.51 11.92 23.19
N LEU B 420 -18.75 12.89 22.33
CA LEU B 420 -17.78 13.96 22.15
C LEU B 420 -17.37 14.53 23.49
N GLN B 421 -18.32 15.17 24.16
CA GLN B 421 -18.01 15.89 25.40
C GLN B 421 -17.50 14.97 26.52
N HIS B 422 -17.75 13.67 26.41
CA HIS B 422 -17.11 12.74 27.33
C HIS B 422 -15.65 12.65 26.93
N PHE B 423 -15.40 12.55 25.64
CA PHE B 423 -14.04 12.47 25.10
C PHE B 423 -13.20 13.72 25.37
N LEU B 424 -13.84 14.88 25.31
CA LEU B 424 -13.13 16.13 25.60
C LEU B 424 -12.89 16.30 27.11
N LYS B 425 -13.55 15.52 27.94
CA LYS B 425 -13.24 15.59 29.34
C LYS B 425 -11.97 14.81 29.66
N TYR B 426 -11.76 13.69 28.96
CA TYR B 426 -10.76 12.71 29.39
C TYR B 426 -9.66 12.32 28.39
N LEU B 427 -9.58 13.00 27.24
CA LEU B 427 -8.49 12.75 26.28
C LEU B 427 -7.26 13.59 26.58
N LEU B 428 -6.09 13.00 26.42
CA LEU B 428 -4.82 13.72 26.58
C LEU B 428 -4.58 14.72 25.45
N ASP B 429 -5.01 14.36 24.25
CA ASP B 429 -5.05 15.28 23.13
C ASP B 429 -6.38 16.06 23.10
N ALA B 430 -7.48 15.39 22.83
CA ALA B 430 -8.76 16.08 22.62
C ALA B 430 -8.58 17.48 22.05
N ASP B 431 -8.10 17.57 20.80
CA ASP B 431 -8.22 18.81 20.04
C ASP B 431 -9.75 18.96 19.89
N TRP B 432 -10.21 20.16 19.57
CA TRP B 432 -11.64 20.40 19.49
C TRP B 432 -12.13 19.98 18.12
N SER B 433 -11.66 20.69 17.11
CA SER B 433 -11.99 20.42 15.72
C SER B 433 -11.75 18.96 15.37
N VAL B 434 -10.55 18.50 15.72
CA VAL B 434 -10.13 17.14 15.43
C VAL B 434 -11.10 16.11 16.05
N CYS B 435 -11.43 16.28 17.33
CA CYS B 435 -12.30 15.37 18.03
C CYS B 435 -13.68 15.32 17.39
N ALA B 436 -14.39 16.45 17.42
CA ALA B 436 -15.76 16.45 16.89
C ALA B 436 -15.79 15.92 15.46
N GLY B 437 -14.85 16.38 14.64
CA GLY B 437 -14.80 15.96 13.25
C GLY B 437 -14.78 14.45 13.10
N ASN B 438 -13.82 13.82 13.77
CA ASN B 438 -13.72 12.38 13.80
C ASN B 438 -15.04 11.75 14.23
N TRP B 439 -15.62 12.29 15.30
CA TRP B 439 -16.89 11.82 15.82
C TRP B 439 -18.03 11.87 14.80
N MET B 440 -18.19 13.00 14.12
CA MET B 440 -19.21 13.13 13.10
C MET B 440 -18.86 12.20 11.97
N TRP B 441 -17.63 12.36 11.48
CA TRP B 441 -17.10 11.63 10.32
C TRP B 441 -17.31 10.15 10.48
N VAL B 442 -17.14 9.66 11.71
CA VAL B 442 -17.30 8.24 12.00
C VAL B 442 -18.76 7.87 12.26
N SER B 443 -19.51 8.75 12.90
CA SER B 443 -20.85 8.34 13.28
C SER B 443 -21.95 8.83 12.35
N SER B 444 -21.71 9.88 11.60
CA SER B 444 -22.83 10.51 10.89
C SER B 444 -22.83 10.36 9.37
N SER B 445 -21.80 9.72 8.81
CA SER B 445 -21.67 9.55 7.36
C SER B 445 -22.59 8.44 6.83
N ALA B 446 -23.83 8.80 6.48
CA ALA B 446 -24.85 7.79 6.21
C ALA B 446 -24.80 7.17 4.83
N PHE B 447 -23.98 7.73 3.96
CA PHE B 447 -23.94 7.20 2.60
C PHE B 447 -22.77 6.23 2.38
N GLU B 448 -21.84 6.20 3.33
CA GLU B 448 -20.85 5.12 3.35
C GLU B 448 -21.43 3.88 4.01
N ARG B 449 -22.02 3.00 3.22
CA ARG B 449 -22.66 1.82 3.77
C ARG B 449 -21.73 0.88 4.53
N LEU B 450 -20.46 0.82 4.12
CA LEU B 450 -19.47 -0.07 4.74
C LEU B 450 -19.36 0.12 6.25
N LEU B 451 -19.48 1.36 6.70
CA LEU B 451 -19.46 1.64 8.12
C LEU B 451 -20.60 0.96 8.85
N ASP B 452 -21.69 0.69 8.15
CA ASP B 452 -22.82 -0.03 8.75
C ASP B 452 -22.50 -1.49 9.06
N SER B 453 -21.68 -2.14 8.23
CA SER B 453 -21.46 -3.60 8.31
C SER B 453 -20.77 -4.07 9.58
N SER B 454 -21.32 -5.14 10.17
CA SER B 454 -20.78 -5.74 11.40
C SER B 454 -19.28 -5.94 11.32
N LEU B 455 -18.77 -5.99 10.09
CA LEU B 455 -17.39 -6.37 9.85
C LEU B 455 -16.42 -5.29 10.31
N VAL B 456 -16.97 -4.16 10.75
CA VAL B 456 -16.20 -3.08 11.40
C VAL B 456 -16.95 -2.59 12.64
N THR B 457 -18.21 -3.00 12.73
CA THR B 457 -19.08 -2.67 13.84
C THR B 457 -18.81 -3.59 15.04
N CYS B 458 -19.17 -4.88 14.92
CA CYS B 458 -19.03 -5.82 16.04
C CYS B 458 -17.65 -5.83 16.66
N PRO B 459 -17.61 -5.52 17.97
CA PRO B 459 -16.50 -5.46 18.93
C PRO B 459 -16.03 -6.82 19.43
N VAL B 460 -16.84 -7.85 19.30
CA VAL B 460 -16.41 -9.18 19.70
C VAL B 460 -15.45 -9.77 18.67
N ALA B 461 -15.82 -9.74 17.38
CA ALA B 461 -14.99 -10.25 16.28
C ALA B 461 -13.69 -9.48 16.18
N LEU B 462 -13.75 -8.25 16.68
CA LEU B 462 -12.68 -7.27 16.59
C LEU B 462 -11.73 -7.39 17.78
N ALA B 463 -12.28 -7.55 18.98
CA ALA B 463 -11.46 -7.84 20.14
C ALA B 463 -10.63 -9.09 19.83
N LYS B 464 -11.21 -10.03 19.10
CA LYS B 464 -10.48 -11.26 18.82
C LYS B 464 -9.26 -11.01 17.94
N ARG B 465 -9.31 -9.97 17.11
CA ARG B 465 -8.21 -9.65 16.19
C ARG B 465 -7.15 -8.73 16.79
N LEU B 466 -7.59 -7.74 17.54
CA LEU B 466 -6.69 -6.74 18.15
C LEU B 466 -6.02 -7.20 19.46
N ASP B 467 -6.74 -7.97 20.25
CA ASP B 467 -6.28 -8.40 21.55
C ASP B 467 -6.50 -9.89 21.64
N PRO B 468 -5.54 -10.68 21.14
CA PRO B 468 -5.83 -12.09 20.88
C PRO B 468 -6.02 -12.87 22.16
N ASP B 469 -5.12 -12.68 23.11
CA ASP B 469 -5.04 -13.57 24.26
C ASP B 469 -5.64 -13.01 25.55
N GLY B 470 -6.38 -11.90 25.44
CA GLY B 470 -7.02 -11.29 26.59
C GLY B 470 -6.13 -10.26 27.27
N THR B 471 -4.84 -10.30 26.94
CA THR B 471 -3.84 -9.38 27.49
C THR B 471 -4.40 -8.02 27.91
N TYR B 472 -4.88 -7.27 26.91
CA TYR B 472 -5.37 -5.93 27.11
C TYR B 472 -6.62 -6.00 27.99
N ILE B 473 -7.61 -6.78 27.53
CA ILE B 473 -8.92 -6.80 28.16
C ILE B 473 -8.83 -7.14 29.62
N LYS B 474 -7.82 -7.90 29.99
CA LYS B 474 -7.63 -8.25 31.41
C LYS B 474 -6.87 -7.13 32.13
N GLN B 475 -5.94 -6.49 31.44
CA GLN B 475 -5.21 -5.37 32.03
C GLN B 475 -6.19 -4.32 32.52
N TYR B 476 -7.30 -4.18 31.81
CA TYR B 476 -8.19 -3.02 31.93
C TYR B 476 -9.62 -3.31 32.41
N VAL B 477 -10.08 -4.52 32.15
CA VAL B 477 -11.34 -4.99 32.67
C VAL B 477 -10.96 -6.04 33.68
N PRO B 478 -10.45 -5.62 34.84
CA PRO B 478 -9.69 -6.56 35.67
C PRO B 478 -10.58 -7.61 36.32
N GLU B 479 -11.88 -7.34 36.41
CA GLU B 479 -12.85 -8.28 36.97
C GLU B 479 -12.85 -9.61 36.22
N LEU B 480 -12.02 -9.69 35.18
CA LEU B 480 -11.99 -10.84 34.29
C LEU B 480 -10.62 -11.47 34.16
N MET B 481 -9.75 -11.26 35.15
CA MET B 481 -8.43 -11.87 35.05
C MET B 481 -8.58 -13.39 34.90
N ASN B 482 -9.65 -13.96 35.48
CA ASN B 482 -9.79 -15.42 35.59
C ASN B 482 -10.45 -16.16 34.43
N VAL B 483 -11.15 -15.45 33.55
CA VAL B 483 -11.72 -16.09 32.38
C VAL B 483 -10.59 -16.40 31.39
N PRO B 484 -10.53 -17.66 30.94
CA PRO B 484 -9.46 -18.42 30.26
C PRO B 484 -8.80 -17.81 29.04
N LYS B 485 -9.59 -17.59 28.00
CA LYS B 485 -9.11 -17.15 26.69
C LYS B 485 -10.15 -17.62 25.69
N GLU B 486 -10.73 -18.76 26.00
CA GLU B 486 -11.87 -19.18 25.26
C GLU B 486 -12.98 -18.16 25.52
N PHE B 487 -13.33 -18.03 26.80
CA PHE B 487 -14.51 -17.26 27.21
C PHE B 487 -14.19 -15.83 27.55
N VAL B 488 -12.91 -15.46 27.48
CA VAL B 488 -12.52 -14.09 27.83
C VAL B 488 -13.19 -13.04 26.94
N HIS B 489 -13.30 -13.33 25.64
CA HIS B 489 -13.76 -12.33 24.66
C HIS B 489 -15.25 -12.16 24.64
N GLU B 490 -15.93 -13.30 24.72
CA GLU B 490 -17.38 -13.36 24.69
C GLU B 490 -17.75 -14.25 25.84
N PRO B 491 -17.68 -13.69 27.07
CA PRO B 491 -17.78 -14.37 28.36
C PRO B 491 -19.22 -14.73 28.77
N TRP B 492 -20.19 -14.35 27.96
CA TRP B 492 -21.58 -14.76 28.18
C TRP B 492 -21.75 -16.23 27.85
N ARG B 493 -20.75 -16.81 27.19
CA ARG B 493 -20.78 -18.21 26.78
C ARG B 493 -20.53 -19.19 27.92
N MET B 494 -20.08 -18.70 29.07
CA MET B 494 -19.75 -19.60 30.17
C MET B 494 -20.99 -20.21 30.82
N SER B 495 -20.91 -21.52 31.05
CA SER B 495 -21.89 -22.23 31.85
C SER B 495 -21.92 -21.62 33.25
N ALA B 496 -23.02 -21.84 33.97
CA ALA B 496 -23.18 -21.29 35.31
C ALA B 496 -22.03 -21.65 36.25
N GLU B 497 -21.43 -22.82 35.99
CA GLU B 497 -20.39 -23.37 36.85
C GLU B 497 -18.98 -22.91 36.49
N GLN B 498 -18.77 -22.63 35.20
CA GLN B 498 -17.54 -22.00 34.73
C GLN B 498 -17.44 -20.59 35.32
N GLN B 499 -18.55 -19.87 35.28
CA GLN B 499 -18.67 -18.57 35.93
C GLN B 499 -18.46 -18.67 37.45
N GLU B 500 -19.12 -19.62 38.07
CA GLU B 500 -18.83 -19.94 39.47
C GLU B 500 -17.33 -20.19 39.61
N GLN B 501 -16.77 -20.86 38.61
CA GLN B 501 -15.41 -21.38 38.64
C GLN B 501 -14.33 -20.33 38.39
N TYR B 502 -14.58 -19.45 37.43
CA TYR B 502 -13.62 -18.39 37.11
C TYR B 502 -13.94 -17.13 37.93
N GLU B 503 -14.83 -17.31 38.90
CA GLU B 503 -15.29 -16.26 39.81
C GLU B 503 -15.76 -14.99 39.09
N CYS B 504 -16.55 -15.19 38.03
CA CYS B 504 -17.21 -14.09 37.31
C CYS B 504 -18.58 -14.56 36.86
N LEU B 505 -19.62 -14.11 37.55
CA LEU B 505 -20.97 -14.51 37.19
C LEU B 505 -21.69 -13.36 36.51
N ILE B 506 -21.90 -13.45 35.20
CA ILE B 506 -22.64 -12.41 34.48
C ILE B 506 -23.73 -11.82 35.38
N GLY B 507 -23.89 -10.51 35.35
CA GLY B 507 -24.68 -9.85 36.36
C GLY B 507 -23.69 -9.43 37.42
N VAL B 508 -23.86 -9.89 38.65
CA VAL B 508 -22.85 -9.67 39.67
C VAL B 508 -21.49 -9.84 39.01
N HIS B 509 -20.44 -9.25 39.57
CA HIS B 509 -19.07 -9.52 39.12
C HIS B 509 -18.64 -8.78 37.83
N TYR B 510 -19.43 -8.90 36.76
CA TYR B 510 -19.18 -8.21 35.49
C TYR B 510 -20.44 -8.10 34.65
N PRO B 511 -20.83 -6.87 34.28
CA PRO B 511 -22.15 -6.52 33.74
C PRO B 511 -22.67 -7.46 32.67
N GLU B 512 -23.95 -7.80 32.76
CA GLU B 512 -24.64 -8.42 31.65
C GLU B 512 -24.75 -7.34 30.59
N ARG B 513 -24.60 -7.70 29.32
CA ARG B 513 -24.70 -6.75 28.20
C ARG B 513 -25.84 -5.74 28.36
N ILE B 514 -25.68 -4.57 27.75
CA ILE B 514 -26.66 -3.50 27.87
C ILE B 514 -27.59 -3.42 26.66
N ILE B 515 -27.25 -4.16 25.62
CA ILE B 515 -28.00 -4.08 24.39
C ILE B 515 -27.89 -5.42 23.64
N ASP B 516 -28.81 -5.67 22.72
CA ASP B 516 -28.68 -6.85 21.86
C ASP B 516 -28.12 -6.48 20.49
N LEU B 517 -26.81 -6.67 20.31
CA LEU B 517 -26.13 -6.27 19.09
C LEU B 517 -26.86 -6.75 17.84
N SER B 518 -27.03 -8.07 17.72
CA SER B 518 -27.82 -8.62 16.63
C SER B 518 -29.05 -7.73 16.43
N MET B 519 -29.93 -7.69 17.43
CA MET B 519 -31.17 -6.92 17.33
C MET B 519 -30.96 -5.43 17.02
N ALA B 520 -29.97 -4.83 17.66
CA ALA B 520 -29.71 -3.39 17.55
C ALA B 520 -29.05 -2.97 16.22
N VAL B 521 -28.01 -3.69 15.80
CA VAL B 521 -27.34 -3.40 14.54
C VAL B 521 -28.29 -3.48 13.34
N LYS B 522 -29.10 -4.54 13.24
CA LYS B 522 -30.12 -4.61 12.19
C LYS B 522 -31.02 -3.37 12.28
N ARG B 523 -31.49 -3.08 13.48
CA ARG B 523 -32.32 -1.91 13.65
C ARG B 523 -31.63 -0.69 13.08
N ASN B 524 -30.46 -0.37 13.62
CA ASN B 524 -29.71 0.81 13.18
C ASN B 524 -29.46 0.90 11.69
N MET B 525 -28.88 -0.14 11.09
CA MET B 525 -28.70 -0.16 9.64
C MET B 525 -30.00 0.26 9.00
N LEU B 526 -31.05 -0.47 9.32
CA LEU B 526 -32.35 -0.22 8.71
C LEU B 526 -32.70 1.25 8.70
N ALA B 527 -32.58 1.92 9.85
CA ALA B 527 -32.91 3.33 9.95
C ALA B 527 -32.00 4.17 9.07
N MET B 528 -30.75 3.74 8.92
CA MET B 528 -29.75 4.43 8.11
C MET B 528 -30.10 4.37 6.63
N LYS B 529 -30.58 3.21 6.21
CA LYS B 529 -31.26 3.13 4.96
C LYS B 529 -32.50 4.04 5.08
N SER B 530 -33.26 3.88 6.16
CA SER B 530 -34.54 4.57 6.29
C SER B 530 -34.36 6.07 6.16
N LEU B 531 -33.18 6.52 6.51
CA LEU B 531 -32.81 7.91 6.36
C LEU B 531 -32.32 8.18 4.94
N ARG B 532 -31.45 7.29 4.46
CA ARG B 532 -30.80 7.45 3.17
C ARG B 532 -31.75 7.64 1.98
N ASN B 533 -32.82 6.87 1.93
CA ASN B 533 -33.82 7.03 0.88
C ASN B 533 -34.34 8.46 0.84
N SER B 534 -35.07 8.85 1.87
CA SER B 534 -35.49 10.24 2.01
C SER B 534 -34.21 10.98 1.74
N LEU B 535 -34.29 12.12 1.09
CA LEU B 535 -33.08 12.88 0.92
C LEU B 535 -32.21 12.22 -0.13
N ILE B 536 -32.81 11.33 -0.92
CA ILE B 536 -32.17 10.73 -2.09
C ILE B 536 -30.72 11.19 -2.33
N THR B 537 -30.57 12.45 -2.75
CA THR B 537 -29.27 13.04 -3.04
C THR B 537 -28.66 13.66 -1.78
N PRO B 538 -27.44 13.21 -1.42
CA PRO B 538 -26.83 13.61 -0.14
C PRO B 538 -26.52 15.09 -0.11
N PRO B 539 -26.77 15.72 1.04
CA PRO B 539 -26.40 17.12 1.22
C PRO B 539 -24.90 17.15 1.50
N PRO B 540 -24.19 18.13 0.93
CA PRO B 540 -22.73 18.20 1.13
C PRO B 540 -22.38 18.17 2.62
N HIS B 541 -21.62 17.16 3.03
CA HIS B 541 -21.29 17.02 4.44
C HIS B 541 -19.87 16.51 4.70
N CYS B 542 -19.52 16.35 5.98
CA CYS B 542 -18.24 15.79 6.40
C CYS B 542 -18.35 14.28 6.30
N ARG B 543 -17.63 13.72 5.34
CA ARG B 543 -17.78 12.32 5.04
C ARG B 543 -16.47 11.80 4.46
N PRO B 544 -16.28 10.48 4.52
CA PRO B 544 -15.10 9.88 3.89
C PRO B 544 -15.12 10.09 2.37
N SER B 545 -13.96 10.02 1.73
CA SER B 545 -13.89 10.14 0.27
C SER B 545 -14.54 8.95 -0.42
N ASN B 546 -14.24 7.75 0.08
CA ASN B 546 -14.70 6.53 -0.56
C ASN B 546 -14.69 5.32 0.38
N GLU B 547 -15.00 4.13 -0.13
CA GLU B 547 -15.00 2.95 0.72
C GLU B 547 -13.56 2.55 1.06
N GLU B 548 -12.62 2.91 0.16
CA GLU B 548 -11.18 2.61 0.33
C GLU B 548 -10.54 3.48 1.38
N GLU B 549 -10.94 4.74 1.44
CA GLU B 549 -10.56 5.59 2.53
C GLU B 549 -11.04 5.00 3.87
N VAL B 550 -12.32 4.61 3.95
CA VAL B 550 -12.86 3.89 5.11
C VAL B 550 -11.95 2.76 5.54
N ARG B 551 -11.59 1.91 4.59
CA ARG B 551 -10.71 0.80 4.89
C ARG B 551 -9.41 1.22 5.60
N GLN B 552 -8.72 2.25 5.11
CA GLN B 552 -7.47 2.75 5.73
C GLN B 552 -7.73 3.48 7.07
N PHE B 553 -8.93 3.96 7.29
CA PHE B 553 -9.20 4.78 8.47
C PHE B 553 -9.48 3.95 9.72
N PHE B 554 -10.07 2.76 9.54
CA PHE B 554 -10.07 1.70 10.56
C PHE B 554 -8.88 0.92 10.07
N TRP B 555 -8.46 -0.18 10.66
CA TRP B 555 -7.38 -0.82 9.91
C TRP B 555 -7.85 -1.85 8.89
N LEU B 556 -8.88 -2.64 9.21
CA LEU B 556 -9.45 -3.59 8.25
C LEU B 556 -8.42 -4.20 7.28
PA FAD C . 0.24 -9.14 -15.00
O1A FAD C . 0.20 -9.23 -13.49
O2A FAD C . -0.99 -8.56 -15.72
O5B FAD C . 1.59 -8.40 -15.58
C5B FAD C . 1.65 -8.13 -16.98
C4B FAD C . 2.87 -8.85 -17.44
O4B FAD C . 3.93 -8.68 -16.48
C3B FAD C . 2.77 -10.37 -17.52
O3B FAD C . 2.00 -10.84 -18.62
C2B FAD C . 4.25 -10.72 -17.67
O2B FAD C . 4.72 -10.42 -18.98
C1B FAD C . 4.84 -9.76 -16.63
N9A FAD C . 5.01 -10.44 -15.35
C8A FAD C . 4.11 -10.53 -14.32
N7A FAD C . 4.49 -11.31 -13.35
C5A FAD C . 5.74 -11.75 -13.75
C6A FAD C . 6.67 -12.58 -13.13
N6A FAD C . 6.50 -13.14 -11.93
N1A FAD C . 7.83 -12.82 -13.79
C2A FAD C . 8.03 -12.25 -14.98
N3A FAD C . 7.20 -11.45 -15.65
C4A FAD C . 6.06 -11.23 -14.98
N1 FAD C . 5.38 -15.75 -17.00
C2 FAD C . 5.83 -15.71 -18.27
O2 FAD C . 5.81 -14.66 -18.92
N3 FAD C . 6.40 -16.84 -18.83
C4 FAD C . 6.56 -18.06 -18.19
O4 FAD C . 7.10 -19.00 -18.76
C4X FAD C . 6.10 -18.09 -16.87
N5 FAD C . 6.32 -19.17 -16.19
C5X FAD C . 6.00 -19.16 -14.87
C6 FAD C . 6.32 -20.27 -14.10
C7 FAD C . 6.11 -20.27 -12.72
C7M FAD C . 6.49 -21.49 -11.93
C8 FAD C . 5.56 -19.16 -12.10
C8M FAD C . 5.34 -19.12 -10.61
C9 FAD C . 5.20 -18.06 -12.87
C9A FAD C . 5.43 -18.04 -14.24
N10 FAD C . 5.18 -16.89 -15.01
C10 FAD C . 5.53 -16.88 -16.34
C1' FAD C . 4.78 -15.64 -14.33
C2' FAD C . 3.37 -15.07 -14.29
O2' FAD C . 2.47 -15.98 -13.65
C3' FAD C . 2.75 -14.60 -15.60
O3' FAD C . 3.54 -13.61 -16.22
C4' FAD C . 1.33 -14.07 -15.46
O4' FAD C . 0.41 -15.09 -15.06
C5' FAD C . 0.86 -13.40 -16.73
O5' FAD C . -0.51 -12.95 -16.68
P FAD C . -0.86 -11.35 -16.39
O1P FAD C . -2.25 -11.31 -15.80
O2P FAD C . -0.57 -10.79 -17.77
O3P FAD C . -0.03 -10.71 -15.19
PA FAD D . -0.23 8.41 13.92
O1A FAD D . -0.80 7.32 13.04
O2A FAD D . 1.18 8.19 14.52
O5B FAD D . -0.30 9.93 13.26
C5B FAD D . 0.39 10.98 13.96
C4B FAD D . -0.61 12.08 14.28
O4B FAD D . -1.48 12.31 13.17
C3B FAD D . -1.56 11.79 15.42
O3B FAD D . -0.93 11.92 16.68
C2B FAD D . -2.63 12.86 15.19
O2B FAD D . -2.15 14.11 15.67
C1B FAD D . -2.73 12.83 13.66
N9A FAD D . -3.82 11.97 13.22
C8A FAD D . -3.79 10.61 13.03
N7A FAD D . -4.95 10.09 12.73
C5A FAD D . -5.80 11.18 12.70
C6A FAD D . -7.19 11.29 12.45
N6A FAD D . -7.98 10.25 12.19
N1A FAD D . -7.73 12.52 12.51
C2A FAD D . -6.95 13.56 12.80
N3A FAD D . -5.64 13.58 13.04
C4A FAD D . -5.13 12.35 12.98
N1 FAD D . -6.90 12.48 17.37
C2 FAD D . -6.50 13.63 17.98
O2 FAD D . -5.39 14.10 17.76
N3 FAD D . -7.37 14.28 18.83
C4 FAD D . -8.67 13.90 19.13
O4 FAD D . -9.37 14.59 19.86
C4X FAD D . -9.08 12.71 18.49
N5 FAD D . -10.30 12.30 18.69
C5X FAD D . -10.72 11.16 18.04
C6 FAD D . -12.02 10.72 18.24
C7 FAD D . -12.49 9.59 17.59
C7M FAD D . -13.92 9.17 17.80
C8 FAD D . -11.63 8.87 16.74
C8M FAD D . -12.09 7.59 16.08
C9 FAD D . -10.33 9.30 16.55
C9A FAD D . -9.87 10.45 17.18
N10 FAD D . -8.56 10.94 16.96
C10 FAD D . -8.13 12.06 17.61
C1' FAD D . -7.79 10.42 15.82
C2' FAD D . -6.71 9.36 16.02
O2' FAD D . -7.27 8.23 16.70
C3' FAD D . -5.46 9.83 16.76
O3' FAD D . -4.80 10.86 16.08
C4' FAD D . -4.45 8.72 17.03
O4' FAD D . -4.99 7.74 17.92
C5' FAD D . -3.14 9.28 17.55
O5' FAD D . -2.12 8.26 17.72
P FAD D . -0.86 8.12 16.67
O1P FAD D . -0.22 6.78 16.94
O2P FAD D . -0.14 9.43 16.95
O3P FAD D . -1.23 7.97 15.13
#